data_3TR4
#
_entry.id   3TR4
#
_cell.length_a   61.910
_cell.length_b   108.654
_cell.length_c   74.664
_cell.angle_alpha   90.000
_cell.angle_beta   104.440
_cell.angle_gamma   90.000
#
_symmetry.space_group_name_H-M   'P 1 21 1'
#
loop_
_entity.id
_entity.type
_entity.pdbx_description
1 polymer 'Inorganic pyrophosphatase'
2 non-polymer 'MANGANESE (II) ION'
3 non-polymer 'MAGNESIUM ION'
4 water water
#
_entity_poly.entity_id   1
_entity_poly.type   'polypeptide(L)'
_entity_poly.pdbx_seq_one_letter_code
;SYV(MSE)TFLVSAGKGIDDFNVIIEIPANGGEVKYEYDKELGFLTVDRF(MSE)PTS(MSE)RYPCNYGFVPSTLAQDG
DPLDVLVLTPVPVQPGVL(MSE)RVRALGI(MSE)K(MSE)EDEAGEDSKVLAVPVVKACRAYEAIQSLKDISSLLLDAI
SHFFERYKDLEPNKWAKVKGWEDKEAAKKEFEASIVRFKEKK
;
_entity_poly.pdbx_strand_id   A,B,C,D,E,F
#
# COMPACT_ATOMS: atom_id res chain seq x y z
N VAL A 8 -10.06 -30.74 7.00
CA VAL A 8 -10.46 -29.65 7.87
C VAL A 8 -11.98 -29.63 8.05
N SER A 9 -12.42 -29.74 9.30
CA SER A 9 -13.85 -29.80 9.59
C SER A 9 -14.53 -28.45 9.36
N ALA A 10 -15.84 -28.48 9.23
CA ALA A 10 -16.61 -27.26 9.03
C ALA A 10 -16.68 -26.43 10.31
N GLY A 11 -16.28 -27.05 11.42
CA GLY A 11 -16.34 -26.36 12.71
C GLY A 11 -17.47 -26.86 13.58
N LYS A 12 -17.88 -26.04 14.53
CA LYS A 12 -18.86 -26.47 15.54
C LYS A 12 -20.30 -26.32 15.05
N GLY A 13 -20.66 -25.13 14.59
CA GLY A 13 -21.98 -24.88 14.07
C GLY A 13 -22.12 -23.49 13.49
N ILE A 14 -23.36 -23.08 13.26
CA ILE A 14 -23.64 -21.79 12.65
C ILE A 14 -23.11 -20.62 13.49
N ASP A 15 -22.81 -20.89 14.76
CA ASP A 15 -22.35 -19.84 15.67
C ASP A 15 -20.83 -19.84 15.85
N ASP A 16 -20.17 -20.84 15.27
CA ASP A 16 -18.72 -20.96 15.36
C ASP A 16 -18.27 -21.96 14.31
N PHE A 17 -18.02 -21.50 13.09
CA PHE A 17 -17.58 -22.38 12.03
C PHE A 17 -16.33 -21.91 11.30
N ASN A 18 -15.71 -22.81 10.56
CA ASN A 18 -14.44 -22.54 9.91
C ASN A 18 -14.60 -22.01 8.49
N VAL A 19 -13.84 -20.97 8.18
N VAL A 19 -13.84 -20.98 8.17
CA VAL A 19 -13.82 -20.41 6.84
CA VAL A 19 -13.84 -20.43 6.81
C VAL A 19 -12.38 -20.26 6.39
C VAL A 19 -12.42 -20.17 6.34
N ILE A 20 -12.10 -20.69 5.16
CA ILE A 20 -10.81 -20.45 4.54
C ILE A 20 -11.01 -19.28 3.59
N ILE A 21 -10.27 -18.20 3.82
CA ILE A 21 -10.43 -16.99 3.02
C ILE A 21 -9.74 -17.14 1.67
N GLU A 22 -10.43 -16.75 0.60
CA GLU A 22 -9.86 -16.83 -0.74
C GLU A 22 -9.58 -15.45 -1.31
N ILE A 23 -10.46 -14.50 -1.02
CA ILE A 23 -10.32 -13.14 -1.54
C ILE A 23 -10.48 -12.15 -0.39
N PRO A 24 -9.52 -11.23 -0.26
CA PRO A 24 -9.55 -10.27 0.84
C PRO A 24 -10.50 -9.12 0.55
N ALA A 25 -11.08 -8.53 1.59
CA ALA A 25 -11.89 -7.33 1.43
C ALA A 25 -11.05 -6.32 0.67
N ASN A 26 -11.66 -5.65 -0.30
CA ASN A 26 -10.97 -4.66 -1.12
C ASN A 26 -10.08 -5.26 -2.20
N GLY A 27 -10.08 -6.59 -2.29
CA GLY A 27 -9.34 -7.26 -3.34
C GLY A 27 -10.28 -7.59 -4.49
N GLY A 28 -9.93 -8.58 -5.29
CA GLY A 28 -10.82 -9.03 -6.34
C GLY A 28 -10.29 -8.89 -7.75
N GLU A 29 -9.31 -8.01 -7.95
N GLU A 29 -9.31 -8.01 -7.94
CA GLU A 29 -8.71 -7.85 -9.27
CA GLU A 29 -8.68 -7.83 -9.24
C GLU A 29 -8.14 -9.18 -9.74
C GLU A 29 -8.14 -9.18 -9.73
N VAL A 30 -7.55 -9.92 -8.80
CA VAL A 30 -7.18 -11.32 -9.05
C VAL A 30 -8.15 -12.13 -8.21
N LYS A 31 -8.89 -13.02 -8.84
CA LYS A 31 -9.81 -13.88 -8.11
C LYS A 31 -9.12 -15.20 -7.77
N TYR A 32 -8.83 -15.40 -6.49
CA TYR A 32 -8.21 -16.64 -6.04
C TYR A 32 -9.28 -17.69 -5.73
N GLU A 33 -8.87 -18.95 -5.80
CA GLU A 33 -9.74 -20.07 -5.45
C GLU A 33 -8.86 -21.15 -4.85
N TYR A 34 -9.28 -21.69 -3.71
CA TYR A 34 -8.47 -22.71 -3.03
C TYR A 34 -8.69 -24.11 -3.64
N ASP A 35 -7.59 -24.73 -4.07
CA ASP A 35 -7.65 -26.06 -4.67
C ASP A 35 -7.35 -27.14 -3.64
N LYS A 36 -8.39 -27.82 -3.18
CA LYS A 36 -8.25 -28.87 -2.16
C LYS A 36 -7.37 -30.03 -2.60
N GLU A 37 -7.45 -30.37 -3.89
CA GLU A 37 -6.63 -31.45 -4.44
C GLU A 37 -5.15 -31.17 -4.26
N LEU A 38 -4.71 -29.99 -4.68
CA LEU A 38 -3.28 -29.65 -4.70
C LEU A 38 -2.80 -29.04 -3.38
N GLY A 39 -3.72 -28.58 -2.55
CA GLY A 39 -3.37 -27.94 -1.30
C GLY A 39 -2.76 -26.57 -1.51
N PHE A 40 -3.18 -25.88 -2.57
CA PHE A 40 -2.68 -24.55 -2.90
C PHE A 40 -3.81 -23.58 -3.16
N LEU A 41 -3.61 -22.33 -2.77
CA LEU A 41 -4.44 -21.24 -3.25
C LEU A 41 -4.05 -21.03 -4.70
N THR A 42 -5.04 -20.90 -5.58
CA THR A 42 -4.73 -20.77 -7.01
C THR A 42 -5.45 -19.59 -7.64
N VAL A 43 -4.94 -19.13 -8.76
CA VAL A 43 -5.60 -18.09 -9.53
C VAL A 43 -6.77 -18.71 -10.29
N ASP A 44 -7.96 -18.15 -10.10
CA ASP A 44 -9.13 -18.54 -10.88
C ASP A 44 -9.17 -17.73 -12.16
N ARG A 45 -9.33 -16.42 -12.02
CA ARG A 45 -9.20 -15.52 -13.15
C ARG A 45 -8.93 -14.09 -12.71
N PHE A 46 -8.52 -13.26 -13.65
CA PHE A 46 -8.37 -11.84 -13.42
C PHE A 46 -9.66 -11.13 -13.82
N PRO A 48 -12.07 -8.24 -15.03
CA PRO A 48 -11.98 -7.11 -15.97
C PRO A 48 -12.63 -5.81 -15.49
N THR A 49 -13.56 -5.88 -14.54
CA THR A 49 -14.26 -4.66 -14.10
C THR A 49 -13.47 -3.89 -13.04
N SER A 50 -13.79 -2.60 -12.90
CA SER A 50 -13.10 -1.75 -11.95
C SER A 50 -13.81 -1.77 -10.61
N ARG A 52 -14.09 -3.89 -6.46
CA ARG A 52 -13.39 -4.58 -5.39
C ARG A 52 -14.38 -5.23 -4.44
N TYR A 53 -14.04 -6.41 -3.93
CA TYR A 53 -14.89 -7.09 -2.96
C TYR A 53 -15.13 -6.19 -1.75
N PRO A 54 -16.40 -6.04 -1.37
CA PRO A 54 -16.80 -5.20 -0.22
C PRO A 54 -16.58 -5.90 1.12
N CYS A 55 -16.09 -7.13 1.08
CA CYS A 55 -15.77 -7.87 2.29
C CYS A 55 -14.91 -9.07 1.93
N ASN A 56 -14.40 -9.78 2.93
CA ASN A 56 -13.61 -10.97 2.66
C ASN A 56 -14.52 -12.08 2.14
N TYR A 57 -13.96 -12.93 1.28
CA TYR A 57 -14.74 -13.97 0.63
C TYR A 57 -14.01 -15.30 0.79
N GLY A 58 -14.77 -16.34 1.13
CA GLY A 58 -14.18 -17.65 1.37
C GLY A 58 -15.22 -18.75 1.39
N PHE A 59 -14.84 -19.92 1.89
CA PHE A 59 -15.73 -21.07 1.91
C PHE A 59 -15.57 -21.87 3.19
N VAL A 60 -16.59 -22.66 3.51
CA VAL A 60 -16.53 -23.56 4.65
C VAL A 60 -16.06 -24.94 4.19
N PRO A 61 -14.91 -25.39 4.69
CA PRO A 61 -14.39 -26.73 4.34
C PRO A 61 -15.35 -27.82 4.83
N SER A 62 -15.33 -28.96 4.15
CA SER A 62 -16.20 -30.10 4.52
C SER A 62 -17.68 -29.75 4.41
N THR A 63 -18.02 -28.91 3.44
CA THR A 63 -19.41 -28.66 3.09
C THR A 63 -19.57 -28.81 1.59
N LEU A 64 -20.81 -28.92 1.14
CA LEU A 64 -21.10 -29.06 -0.27
C LEU A 64 -22.43 -28.40 -0.59
N ALA A 65 -22.37 -27.25 -1.27
CA ALA A 65 -23.57 -26.56 -1.69
C ALA A 65 -24.07 -27.17 -2.98
N GLN A 66 -25.18 -26.65 -3.50
CA GLN A 66 -25.81 -27.24 -4.68
C GLN A 66 -24.97 -27.09 -5.94
N ASP A 67 -24.24 -25.99 -6.05
CA ASP A 67 -23.44 -25.71 -7.24
C ASP A 67 -22.28 -26.70 -7.39
N GLY A 68 -22.05 -27.52 -6.37
CA GLY A 68 -21.01 -28.54 -6.43
C GLY A 68 -19.75 -28.14 -5.69
N ASP A 69 -19.73 -26.92 -5.17
CA ASP A 69 -18.59 -26.41 -4.43
C ASP A 69 -18.95 -26.24 -2.97
N PRO A 70 -17.93 -26.05 -2.10
CA PRO A 70 -18.22 -25.81 -0.68
C PRO A 70 -19.05 -24.55 -0.50
N LEU A 71 -19.74 -24.45 0.63
CA LEU A 71 -20.60 -23.32 0.92
C LEU A 71 -19.83 -21.99 0.90
N ASP A 72 -20.37 -21.00 0.20
CA ASP A 72 -19.71 -19.68 0.10
C ASP A 72 -19.97 -18.84 1.34
N VAL A 73 -18.95 -18.10 1.77
CA VAL A 73 -19.09 -17.24 2.94
C VAL A 73 -18.54 -15.83 2.70
N LEU A 74 -19.27 -14.83 3.18
CA LEU A 74 -18.81 -13.46 3.20
C LEU A 74 -18.48 -13.10 4.64
N VAL A 75 -17.26 -12.64 4.90
CA VAL A 75 -16.87 -12.32 6.27
C VAL A 75 -16.50 -10.85 6.42
N LEU A 76 -17.24 -10.16 7.28
CA LEU A 76 -16.95 -8.76 7.59
C LEU A 76 -15.91 -8.69 8.71
N THR A 77 -14.86 -7.92 8.48
CA THR A 77 -13.77 -7.78 9.45
C THR A 77 -13.33 -6.32 9.52
N PRO A 78 -12.71 -5.91 10.64
CA PRO A 78 -12.20 -4.54 10.76
C PRO A 78 -11.15 -4.21 9.71
N VAL A 79 -10.33 -5.20 9.35
CA VAL A 79 -9.33 -5.03 8.30
C VAL A 79 -9.28 -6.30 7.47
N PRO A 80 -8.81 -6.18 6.22
CA PRO A 80 -8.79 -7.33 5.31
C PRO A 80 -7.94 -8.46 5.85
N VAL A 81 -8.32 -9.69 5.51
CA VAL A 81 -7.62 -10.87 5.96
C VAL A 81 -6.81 -11.46 4.80
N GLN A 82 -5.59 -11.88 5.09
CA GLN A 82 -4.71 -12.46 4.07
C GLN A 82 -5.34 -13.71 3.46
N PRO A 83 -5.33 -13.80 2.11
CA PRO A 83 -5.88 -14.98 1.42
C PRO A 83 -5.15 -16.25 1.83
N GLY A 84 -5.90 -17.34 2.05
CA GLY A 84 -5.30 -18.60 2.41
C GLY A 84 -5.36 -18.89 3.91
N VAL A 85 -5.80 -17.92 4.70
N VAL A 85 -5.85 -17.91 4.67
CA VAL A 85 -5.86 -18.15 6.13
CA VAL A 85 -5.97 -18.00 6.12
C VAL A 85 -7.23 -18.60 6.60
C VAL A 85 -7.28 -18.64 6.56
N LEU A 86 -7.23 -19.44 7.62
CA LEU A 86 -8.44 -20.04 8.18
C LEU A 86 -8.88 -19.19 9.36
N ARG A 88 -12.31 -18.50 12.42
CA ARG A 88 -13.55 -18.96 13.03
C ARG A 88 -14.56 -17.82 13.06
N VAL A 89 -15.74 -18.09 12.51
CA VAL A 89 -16.75 -17.05 12.34
C VAL A 89 -18.13 -17.48 12.81
N ARG A 90 -19.05 -16.51 12.89
CA ARG A 90 -20.41 -16.76 13.29
C ARG A 90 -21.38 -16.04 12.34
N ALA A 91 -22.43 -16.73 11.92
CA ALA A 91 -23.33 -16.22 10.89
C ALA A 91 -24.29 -15.15 11.39
N LEU A 92 -24.54 -14.17 10.55
CA LEU A 92 -25.52 -13.12 10.83
C LEU A 92 -26.74 -13.28 9.94
N GLY A 93 -26.55 -13.91 8.80
CA GLY A 93 -27.62 -14.08 7.83
C GLY A 93 -27.11 -14.70 6.56
N ILE A 94 -27.88 -14.58 5.49
CA ILE A 94 -27.52 -15.20 4.24
C ILE A 94 -28.06 -14.41 3.06
N LYS A 96 -29.34 -14.65 -0.50
CA LYS A 96 -29.86 -15.61 -1.47
C LYS A 96 -29.66 -15.07 -2.87
N GLU A 98 -29.05 -16.43 -7.37
CA GLU A 98 -28.80 -17.38 -8.44
C GLU A 98 -27.71 -16.79 -9.33
N ASP A 99 -26.91 -17.66 -9.95
CA ASP A 99 -25.97 -17.22 -10.97
C ASP A 99 -26.12 -18.11 -12.20
N GLU A 100 -25.14 -18.06 -13.10
CA GLU A 100 -25.16 -18.89 -14.30
C GLU A 100 -25.16 -20.37 -13.92
N ALA A 101 -24.63 -20.68 -12.74
CA ALA A 101 -24.55 -22.06 -12.26
C ALA A 101 -25.70 -22.43 -11.34
N GLY A 102 -26.68 -21.53 -11.20
CA GLY A 102 -27.84 -21.78 -10.37
C GLY A 102 -27.73 -21.24 -8.97
N GLU A 103 -28.71 -21.57 -8.12
CA GLU A 103 -28.75 -21.12 -6.73
C GLU A 103 -27.40 -21.26 -6.05
N ASP A 104 -26.81 -20.13 -5.67
CA ASP A 104 -25.49 -20.11 -5.05
C ASP A 104 -25.45 -19.05 -3.95
N SER A 105 -26.16 -19.30 -2.86
CA SER A 105 -26.28 -18.35 -1.77
C SER A 105 -24.96 -18.21 -1.01
N LYS A 106 -24.83 -17.10 -0.29
CA LYS A 106 -23.61 -16.83 0.47
C LYS A 106 -23.94 -16.40 1.89
N VAL A 107 -23.46 -17.18 2.86
CA VAL A 107 -23.65 -16.85 4.26
C VAL A 107 -22.87 -15.59 4.61
N LEU A 108 -23.49 -14.69 5.36
CA LEU A 108 -22.81 -13.51 5.84
C LEU A 108 -22.42 -13.72 7.29
N ALA A 109 -21.15 -13.52 7.61
CA ALA A 109 -20.64 -13.77 8.96
C ALA A 109 -19.67 -12.71 9.45
N VAL A 110 -19.41 -12.74 10.76
CA VAL A 110 -18.37 -11.93 11.38
C VAL A 110 -17.54 -12.85 12.28
N PRO A 111 -16.34 -12.41 12.71
CA PRO A 111 -15.51 -13.26 13.56
C PRO A 111 -16.20 -13.65 14.87
N VAL A 112 -15.84 -14.80 15.43
CA VAL A 112 -16.29 -15.16 16.77
C VAL A 112 -15.87 -14.07 17.73
N VAL A 113 -16.59 -13.94 18.84
CA VAL A 113 -16.35 -12.87 19.80
C VAL A 113 -14.90 -12.78 20.26
N LYS A 114 -14.30 -13.93 20.52
CA LYS A 114 -12.91 -13.98 20.98
C LYS A 114 -11.98 -13.27 20.00
N ALA A 115 -12.28 -13.38 18.70
CA ALA A 115 -11.42 -12.82 17.66
C ALA A 115 -11.69 -11.34 17.41
N CYS A 116 -12.91 -10.89 17.71
CA CYS A 116 -13.27 -9.51 17.44
C CYS A 116 -14.31 -8.99 18.43
N ARG A 117 -13.84 -8.48 19.57
CA ARG A 117 -14.74 -8.02 20.60
C ARG A 117 -15.47 -6.73 20.18
N ALA A 118 -14.90 -6.02 19.22
CA ALA A 118 -15.52 -4.81 18.69
C ALA A 118 -16.84 -5.11 17.98
N TYR A 119 -17.02 -6.34 17.52
CA TYR A 119 -18.26 -6.73 16.83
C TYR A 119 -19.19 -7.51 17.74
N GLU A 120 -18.85 -7.59 19.02
CA GLU A 120 -19.60 -8.41 19.96
C GLU A 120 -21.11 -8.13 19.94
N ALA A 121 -21.49 -6.87 19.74
CA ALA A 121 -22.90 -6.50 19.80
C ALA A 121 -23.65 -6.72 18.48
N ILE A 122 -22.92 -7.12 17.45
CA ILE A 122 -23.52 -7.42 16.15
C ILE A 122 -24.00 -8.88 16.12
N GLN A 123 -25.32 -9.07 16.10
CA GLN A 123 -25.90 -10.42 16.24
C GLN A 123 -26.83 -10.81 15.10
N SER A 124 -27.28 -9.83 14.32
CA SER A 124 -28.15 -10.11 13.18
C SER A 124 -27.93 -9.08 12.09
N LEU A 125 -28.55 -9.30 10.93
CA LEU A 125 -28.41 -8.41 9.80
C LEU A 125 -28.83 -6.99 10.14
N LYS A 126 -29.80 -6.87 11.02
CA LYS A 126 -30.32 -5.57 11.45
C LYS A 126 -29.21 -4.72 12.02
N ASP A 127 -28.17 -5.40 12.52
CA ASP A 127 -27.07 -4.72 13.19
C ASP A 127 -26.02 -4.22 12.19
N ILE A 128 -26.18 -4.59 10.92
CA ILE A 128 -25.29 -4.12 9.87
C ILE A 128 -25.90 -2.95 9.12
N SER A 129 -25.09 -1.93 8.82
CA SER A 129 -25.54 -0.80 8.02
C SER A 129 -26.23 -1.28 6.75
N SER A 130 -27.46 -0.84 6.54
CA SER A 130 -28.21 -1.26 5.36
C SER A 130 -27.49 -0.82 4.10
N LEU A 131 -26.71 0.26 4.20
CA LEU A 131 -25.92 0.72 3.06
C LEU A 131 -24.82 -0.27 2.72
N LEU A 132 -24.28 -0.92 3.74
CA LEU A 132 -23.26 -1.95 3.53
C LEU A 132 -23.88 -3.17 2.86
N LEU A 133 -25.06 -3.57 3.33
CA LEU A 133 -25.77 -4.69 2.74
C LEU A 133 -26.08 -4.41 1.27
N ASP A 134 -26.46 -3.17 0.97
CA ASP A 134 -26.74 -2.76 -0.40
C ASP A 134 -25.48 -2.75 -1.27
N ALA A 135 -24.36 -2.36 -0.69
CA ALA A 135 -23.10 -2.35 -1.41
C ALA A 135 -22.69 -3.78 -1.75
N ILE A 136 -22.94 -4.69 -0.81
CA ILE A 136 -22.67 -6.10 -1.01
C ILE A 136 -23.56 -6.74 -2.09
N SER A 137 -24.86 -6.49 -2.01
CA SER A 137 -25.79 -6.98 -3.03
C SER A 137 -25.44 -6.42 -4.40
N HIS A 138 -25.15 -5.12 -4.45
CA HIS A 138 -24.83 -4.47 -5.69
C HIS A 138 -23.58 -5.09 -6.31
N PHE A 139 -22.58 -5.36 -5.48
CA PHE A 139 -21.36 -5.97 -5.98
C PHE A 139 -21.63 -7.29 -6.69
N PHE A 140 -22.36 -8.19 -6.04
CA PHE A 140 -22.58 -9.50 -6.63
C PHE A 140 -23.53 -9.45 -7.82
N GLU A 141 -24.33 -8.40 -7.89
CA GLU A 141 -25.19 -8.17 -9.05
C GLU A 141 -24.39 -7.75 -10.28
N ARG A 142 -23.28 -7.03 -10.06
CA ARG A 142 -22.60 -6.35 -11.16
C ARG A 142 -21.21 -6.88 -11.51
N TYR A 143 -20.58 -7.60 -10.59
CA TYR A 143 -19.16 -7.94 -10.77
C TYR A 143 -18.85 -8.86 -11.96
N LYS A 144 -19.87 -9.49 -12.52
CA LYS A 144 -19.67 -10.33 -13.70
C LYS A 144 -20.25 -9.72 -14.97
N ASP A 145 -20.45 -8.41 -14.96
CA ASP A 145 -21.05 -7.70 -16.09
C ASP A 145 -20.28 -7.86 -17.39
N LEU A 146 -18.95 -7.80 -17.33
CA LEU A 146 -18.11 -7.88 -18.51
C LEU A 146 -17.67 -9.30 -18.82
N GLU A 147 -18.25 -10.27 -18.12
CA GLU A 147 -17.94 -11.68 -18.35
C GLU A 147 -19.05 -12.35 -19.14
N PRO A 148 -18.75 -12.74 -20.39
CA PRO A 148 -19.76 -13.40 -21.23
C PRO A 148 -20.31 -14.67 -20.58
N ASN A 149 -21.63 -14.81 -20.59
CA ASN A 149 -22.30 -16.01 -20.08
C ASN A 149 -22.24 -16.19 -18.57
N LYS A 150 -21.70 -15.20 -17.88
CA LYS A 150 -21.76 -15.16 -16.42
C LYS A 150 -22.70 -14.03 -16.00
N TRP A 151 -23.57 -14.33 -15.05
CA TRP A 151 -24.53 -13.35 -14.57
C TRP A 151 -25.03 -13.77 -13.19
N ALA A 152 -25.65 -12.84 -12.49
CA ALA A 152 -26.12 -13.12 -11.14
C ALA A 152 -27.38 -12.34 -10.80
N LYS A 153 -28.28 -12.99 -10.06
CA LYS A 153 -29.49 -12.35 -9.59
C LYS A 153 -29.58 -12.53 -8.08
N VAL A 154 -29.45 -11.44 -7.35
CA VAL A 154 -29.65 -11.48 -5.90
C VAL A 154 -31.15 -11.55 -5.60
N LYS A 155 -31.56 -12.58 -4.88
CA LYS A 155 -32.95 -12.75 -4.51
C LYS A 155 -33.30 -11.87 -3.31
N GLY A 156 -32.42 -11.89 -2.30
CA GLY A 156 -32.62 -11.10 -1.10
C GLY A 156 -31.84 -11.60 0.10
N TRP A 157 -31.84 -10.80 1.16
CA TRP A 157 -31.20 -11.18 2.41
C TRP A 157 -32.17 -11.94 3.29
N GLU A 158 -31.68 -12.98 3.96
CA GLU A 158 -32.52 -13.74 4.89
C GLU A 158 -31.81 -13.91 6.23
N ASP A 159 -32.57 -14.31 7.25
CA ASP A 159 -32.08 -14.31 8.63
C ASP A 159 -31.10 -15.44 8.97
N LYS A 160 -30.65 -15.44 10.22
CA LYS A 160 -29.67 -16.41 10.70
C LYS A 160 -30.21 -17.83 10.62
N GLU A 161 -31.51 -17.98 10.91
CA GLU A 161 -32.16 -19.28 10.80
C GLU A 161 -32.11 -19.80 9.36
N ALA A 162 -32.31 -18.90 8.40
CA ALA A 162 -32.15 -19.27 7.00
C ALA A 162 -30.71 -19.71 6.75
N ALA A 163 -29.76 -18.92 7.24
CA ALA A 163 -28.35 -19.26 7.10
C ALA A 163 -28.06 -20.64 7.68
N LYS A 164 -28.60 -20.90 8.87
CA LYS A 164 -28.38 -22.16 9.55
C LYS A 164 -28.88 -23.33 8.74
N LYS A 165 -30.07 -23.18 8.17
CA LYS A 165 -30.67 -24.24 7.35
C LYS A 165 -29.76 -24.59 6.17
N GLU A 166 -29.27 -23.57 5.48
CA GLU A 166 -28.38 -23.79 4.34
C GLU A 166 -27.07 -24.43 4.79
N PHE A 167 -26.51 -23.89 5.87
CA PHE A 167 -25.29 -24.45 6.47
C PHE A 167 -25.46 -25.94 6.76
N GLU A 168 -26.48 -26.29 7.52
CA GLU A 168 -26.72 -27.69 7.88
C GLU A 168 -26.97 -28.57 6.64
N ALA A 169 -27.69 -28.02 5.66
CA ALA A 169 -27.96 -28.76 4.43
C ALA A 169 -26.67 -29.03 3.65
N SER A 170 -25.73 -28.10 3.73
CA SER A 170 -24.45 -28.24 3.06
C SER A 170 -23.57 -29.28 3.76
N ILE A 171 -23.68 -29.34 5.08
CA ILE A 171 -23.02 -30.37 5.85
C ILE A 171 -23.52 -31.75 5.41
N VAL A 172 -24.83 -31.90 5.38
CA VAL A 172 -25.43 -33.18 5.00
C VAL A 172 -24.94 -33.63 3.64
N ARG A 173 -25.02 -32.75 2.65
CA ARG A 173 -24.59 -33.08 1.30
C ARG A 173 -23.16 -33.59 1.29
N PHE A 174 -22.27 -32.91 2.00
CA PHE A 174 -20.88 -33.33 2.04
C PHE A 174 -20.76 -34.73 2.64
N LYS A 175 -21.44 -34.94 3.77
CA LYS A 175 -21.46 -36.25 4.41
C LYS A 175 -22.10 -37.30 3.50
N GLU A 176 -22.95 -36.83 2.60
CA GLU A 176 -23.69 -37.69 1.67
C GLU A 176 -24.84 -38.42 2.36
N LEU B 7 2.52 -33.58 -3.95
CA LEU B 7 3.29 -33.54 -5.20
C LEU B 7 2.50 -32.83 -6.30
N VAL B 8 2.97 -31.64 -6.68
CA VAL B 8 2.31 -30.86 -7.71
C VAL B 8 2.97 -31.11 -9.07
N SER B 9 2.20 -31.63 -10.01
CA SER B 9 2.72 -31.92 -11.35
C SER B 9 3.06 -30.64 -12.10
N ALA B 10 3.94 -30.76 -13.09
CA ALA B 10 4.34 -29.63 -13.91
C ALA B 10 3.18 -29.10 -14.75
N GLY B 11 2.16 -29.93 -14.93
CA GLY B 11 1.01 -29.56 -15.74
C GLY B 11 0.93 -30.34 -17.03
N LYS B 12 0.18 -29.82 -17.99
CA LYS B 12 -0.10 -30.55 -19.23
C LYS B 12 0.95 -30.33 -20.32
N GLY B 13 1.44 -29.11 -20.46
CA GLY B 13 2.40 -28.80 -21.50
C GLY B 13 2.70 -27.32 -21.61
N ILE B 14 3.41 -26.95 -22.67
CA ILE B 14 3.91 -25.58 -22.82
C ILE B 14 2.79 -24.54 -22.95
N ASP B 15 1.59 -24.99 -23.30
CA ASP B 15 0.45 -24.09 -23.44
C ASP B 15 -0.46 -24.12 -22.21
N ASP B 16 -0.08 -24.92 -21.22
CA ASP B 16 -0.88 -25.04 -20.01
C ASP B 16 -0.11 -25.77 -18.93
N PHE B 17 0.78 -25.04 -18.26
CA PHE B 17 1.55 -25.64 -17.18
C PHE B 17 1.41 -24.89 -15.87
N ASN B 18 1.86 -25.51 -14.79
CA ASN B 18 1.70 -24.93 -13.46
C ASN B 18 2.88 -24.07 -13.04
N VAL B 19 2.60 -22.98 -12.35
CA VAL B 19 3.64 -22.14 -11.78
C VAL B 19 3.27 -21.76 -10.36
N ILE B 20 4.21 -21.92 -9.45
CA ILE B 20 4.04 -21.43 -8.10
C ILE B 20 4.76 -20.10 -7.98
N ILE B 21 4.02 -19.05 -7.66
CA ILE B 21 4.58 -17.71 -7.61
C ILE B 21 5.37 -17.51 -6.32
N GLU B 22 6.56 -16.93 -6.45
CA GLU B 22 7.43 -16.70 -5.30
C GLU B 22 7.61 -15.20 -5.04
N ILE B 23 7.59 -14.42 -6.12
CA ILE B 23 7.78 -12.97 -6.03
C ILE B 23 6.77 -12.27 -6.92
N PRO B 24 5.99 -11.34 -6.36
CA PRO B 24 4.96 -10.64 -7.13
C PRO B 24 5.57 -9.54 -7.99
N ALA B 25 4.89 -9.17 -9.07
CA ALA B 25 5.32 -8.02 -9.88
C ALA B 25 5.42 -6.80 -8.97
N ASN B 26 6.48 -6.01 -9.15
CA ASN B 26 6.72 -4.82 -8.34
C ASN B 26 7.18 -5.10 -6.92
N GLY B 27 7.46 -6.36 -6.61
CA GLY B 27 8.02 -6.72 -5.32
C GLY B 27 9.50 -7.00 -5.45
N GLY B 28 10.07 -7.75 -4.51
CA GLY B 28 11.47 -8.12 -4.61
C GLY B 28 12.35 -7.65 -3.46
N GLU B 29 11.91 -6.60 -2.77
CA GLU B 29 12.66 -6.13 -1.59
C GLU B 29 12.91 -7.30 -0.66
N VAL B 30 11.93 -8.19 -0.59
CA VAL B 30 12.13 -9.53 -0.01
C VAL B 30 11.90 -10.53 -1.12
N LYS B 31 12.82 -11.48 -1.26
CA LYS B 31 12.64 -12.54 -2.23
C LYS B 31 12.30 -13.83 -1.52
N TYR B 32 11.22 -14.48 -1.93
CA TYR B 32 10.78 -15.72 -1.32
C TYR B 32 11.14 -16.92 -2.18
N GLU B 33 11.23 -18.08 -1.54
CA GLU B 33 11.40 -19.34 -2.24
C GLU B 33 10.45 -20.36 -1.61
N TYR B 34 9.79 -21.17 -2.43
CA TYR B 34 8.92 -22.18 -1.87
C TYR B 34 9.71 -23.43 -1.51
N ASP B 35 9.53 -23.90 -0.29
CA ASP B 35 10.23 -25.08 0.19
C ASP B 35 9.28 -26.27 0.17
N LYS B 36 9.46 -27.13 -0.82
CA LYS B 36 8.61 -28.32 -0.99
C LYS B 36 8.74 -29.28 0.19
N GLU B 37 9.95 -29.38 0.73
CA GLU B 37 10.22 -30.30 1.84
C GLU B 37 9.50 -29.89 3.12
N LEU B 38 9.50 -28.59 3.41
CA LEU B 38 8.86 -28.08 4.62
C LEU B 38 7.40 -27.71 4.36
N GLY B 39 7.05 -27.50 3.10
CA GLY B 39 5.71 -27.08 2.73
C GLY B 39 5.46 -25.64 3.15
N PHE B 40 6.52 -24.84 3.07
CA PHE B 40 6.44 -23.43 3.47
C PHE B 40 7.06 -22.54 2.42
N LEU B 41 6.47 -21.37 2.23
CA LEU B 41 7.15 -20.30 1.53
C LEU B 41 8.23 -19.84 2.50
N THR B 42 9.44 -19.59 2.01
CA THR B 42 10.56 -19.23 2.85
C THR B 42 11.19 -17.94 2.36
N VAL B 43 11.91 -17.26 3.25
CA VAL B 43 12.69 -16.09 2.83
C VAL B 43 13.98 -16.57 2.20
N ASP B 44 14.23 -16.14 0.97
CA ASP B 44 15.51 -16.41 0.31
C ASP B 44 16.51 -15.33 0.71
N ARG B 45 16.25 -14.09 0.29
CA ARG B 45 17.11 -12.98 0.66
C ARG B 45 16.43 -11.64 0.53
N PHE B 46 17.00 -10.64 1.19
CA PHE B 46 16.58 -9.26 1.00
C PHE B 46 17.51 -8.56 0.02
N PRO B 48 19.32 -5.45 -1.57
CA PRO B 48 19.79 -4.09 -1.25
C PRO B 48 19.51 -3.12 -2.39
N THR B 49 19.64 -3.58 -3.64
CA THR B 49 19.47 -2.70 -4.79
C THR B 49 18.09 -2.08 -4.80
N SER B 50 18.00 -0.82 -5.21
CA SER B 50 16.74 -0.10 -5.23
C SER B 50 16.00 -0.41 -6.54
N ARG B 52 12.75 -3.15 -8.42
CA ARG B 52 11.60 -4.01 -8.20
C ARG B 52 11.39 -4.93 -9.39
N TYR B 53 10.91 -6.15 -9.13
CA TYR B 53 10.65 -7.09 -10.20
C TYR B 53 9.66 -6.50 -11.21
N PRO B 54 9.99 -6.63 -12.50
CA PRO B 54 9.16 -6.07 -13.58
C PRO B 54 7.99 -6.97 -13.95
N CYS B 55 7.88 -8.11 -13.28
CA CYS B 55 6.78 -9.06 -13.51
C CYS B 55 6.79 -10.07 -12.38
N ASN B 56 5.79 -10.95 -12.35
CA ASN B 56 5.78 -12.01 -11.34
C ASN B 56 6.84 -13.04 -11.65
N TYR B 57 7.31 -13.73 -10.62
CA TYR B 57 8.40 -14.68 -10.77
C TYR B 57 8.10 -15.94 -9.97
N GLY B 58 8.33 -17.09 -10.58
CA GLY B 58 8.07 -18.34 -9.90
C GLY B 58 8.81 -19.51 -10.54
N PHE B 59 8.30 -20.71 -10.31
CA PHE B 59 8.92 -21.91 -10.86
C PHE B 59 7.86 -22.93 -11.23
N VAL B 60 8.23 -23.88 -12.07
CA VAL B 60 7.36 -25.00 -12.42
C VAL B 60 7.68 -26.18 -11.50
N PRO B 61 6.68 -26.63 -10.72
CA PRO B 61 6.89 -27.77 -9.83
C PRO B 61 7.15 -29.03 -10.65
N SER B 62 7.86 -29.99 -10.06
CA SER B 62 8.18 -31.24 -10.75
C SER B 62 9.03 -31.03 -12.00
N THR B 63 9.94 -30.07 -11.92
CA THR B 63 10.92 -29.85 -12.98
C THR B 63 12.28 -29.61 -12.36
N LEU B 64 13.33 -29.78 -13.15
CA LEU B 64 14.69 -29.61 -12.66
C LEU B 64 15.55 -28.93 -13.72
N ALA B 65 15.99 -27.71 -13.42
CA ALA B 65 16.88 -26.98 -14.31
C ALA B 65 18.33 -27.42 -14.08
N GLN B 66 19.26 -26.87 -14.87
CA GLN B 66 20.65 -27.27 -14.77
C GLN B 66 21.29 -26.86 -13.44
N ASP B 67 20.70 -25.86 -12.80
CA ASP B 67 21.25 -25.33 -11.55
C ASP B 67 20.75 -26.08 -10.32
N GLY B 68 19.98 -27.14 -10.54
CA GLY B 68 19.50 -27.97 -9.45
C GLY B 68 18.17 -27.52 -8.87
N ASP B 69 17.72 -26.34 -9.26
CA ASP B 69 16.41 -25.84 -8.85
C ASP B 69 15.39 -26.08 -9.96
N PRO B 70 14.10 -26.04 -9.63
CA PRO B 70 13.06 -26.15 -10.66
C PRO B 70 13.18 -25.04 -11.70
N LEU B 71 12.57 -25.25 -12.87
CA LEU B 71 12.60 -24.29 -13.96
C LEU B 71 11.98 -22.95 -13.57
N ASP B 72 12.71 -21.85 -13.79
CA ASP B 72 12.23 -20.50 -13.49
C ASP B 72 11.23 -20.01 -14.53
N VAL B 73 10.25 -19.23 -14.08
CA VAL B 73 9.27 -18.65 -14.98
C VAL B 73 8.98 -17.21 -14.63
N LEU B 74 8.92 -16.36 -15.66
CA LEU B 74 8.44 -15.00 -15.51
C LEU B 74 7.01 -14.96 -16.00
N VAL B 75 6.09 -14.47 -15.17
CA VAL B 75 4.70 -14.41 -15.57
C VAL B 75 4.17 -12.98 -15.60
N LEU B 76 3.74 -12.54 -16.78
CA LEU B 76 3.13 -11.23 -16.92
C LEU B 76 1.64 -11.33 -16.64
N THR B 77 1.14 -10.43 -15.80
CA THR B 77 -0.27 -10.43 -15.43
C THR B 77 -0.76 -9.00 -15.32
N PRO B 78 -2.09 -8.80 -15.38
CA PRO B 78 -2.71 -7.49 -15.22
C PRO B 78 -2.38 -6.87 -13.86
N VAL B 79 -2.37 -7.68 -12.80
CA VAL B 79 -1.99 -7.20 -11.47
C VAL B 79 -1.16 -8.24 -10.74
N PRO B 80 -0.36 -7.81 -9.75
CA PRO B 80 0.53 -8.74 -9.04
C PRO B 80 -0.22 -9.93 -8.42
N VAL B 81 0.44 -11.08 -8.39
CA VAL B 81 -0.13 -12.27 -7.75
C VAL B 81 0.59 -12.54 -6.43
N GLN B 82 -0.15 -12.94 -5.41
CA GLN B 82 0.42 -13.19 -4.08
C GLN B 82 1.39 -14.37 -4.07
N PRO B 83 2.56 -14.20 -3.43
CA PRO B 83 3.53 -15.30 -3.32
C PRO B 83 2.89 -16.52 -2.69
N GLY B 84 3.21 -17.70 -3.20
CA GLY B 84 2.71 -18.94 -2.63
C GLY B 84 1.51 -19.48 -3.39
N VAL B 85 1.02 -18.69 -4.34
CA VAL B 85 -0.15 -19.06 -5.11
C VAL B 85 0.24 -19.82 -6.38
N LEU B 86 -0.56 -20.81 -6.74
CA LEU B 86 -0.32 -21.58 -7.96
C LEU B 86 -1.22 -21.05 -9.08
N ARG B 88 -2.09 -21.37 -13.63
CA ARG B 88 -1.89 -22.06 -14.90
C ARG B 88 -1.53 -21.05 -15.97
N VAL B 89 -0.41 -21.28 -16.65
CA VAL B 89 0.12 -20.33 -17.61
C VAL B 89 0.47 -20.98 -18.94
N ARG B 90 0.75 -20.14 -19.94
CA ARG B 90 1.17 -20.60 -21.24
C ARG B 90 2.39 -19.79 -21.66
N ALA B 91 3.37 -20.45 -22.27
CA ALA B 91 4.64 -19.78 -22.61
C ALA B 91 4.57 -18.94 -23.89
N LEU B 92 5.34 -17.86 -23.91
CA LEU B 92 5.48 -17.01 -25.07
C LEU B 92 6.89 -17.16 -25.64
N GLY B 93 7.84 -17.43 -24.76
CA GLY B 93 9.22 -17.50 -25.15
C GLY B 93 10.11 -17.74 -23.94
N ILE B 94 11.40 -17.53 -24.11
CA ILE B 94 12.35 -17.77 -23.03
C ILE B 94 13.46 -16.74 -23.04
N LYS B 96 17.17 -16.14 -22.34
CA LYS B 96 18.42 -16.85 -22.16
C LYS B 96 19.37 -16.02 -21.31
N GLU B 98 22.87 -16.36 -18.17
CA GLU B 98 23.74 -17.15 -17.30
C GLU B 98 24.08 -16.35 -16.06
N ASP B 99 24.29 -17.04 -14.95
CA ASP B 99 24.72 -16.39 -13.73
C ASP B 99 26.13 -16.84 -13.38
N GLU B 100 26.56 -16.59 -12.16
CA GLU B 100 27.93 -16.92 -11.75
C GLU B 100 28.22 -18.42 -11.88
N ALA B 101 27.19 -19.24 -11.71
CA ALA B 101 27.38 -20.70 -11.69
C ALA B 101 27.15 -21.36 -13.06
N GLY B 102 26.36 -20.73 -13.91
CA GLY B 102 26.09 -21.26 -15.23
C GLY B 102 24.73 -20.87 -15.77
N GLU B 103 24.12 -21.77 -16.52
CA GLU B 103 22.81 -21.53 -17.14
C GLU B 103 21.73 -21.24 -16.11
N ASP B 104 20.88 -20.26 -16.41
CA ASP B 104 19.76 -19.93 -15.54
C ASP B 104 18.68 -19.17 -16.32
N SER B 105 18.36 -19.69 -17.50
CA SER B 105 17.33 -19.10 -18.35
C SER B 105 15.96 -19.12 -17.67
N LYS B 106 15.04 -18.33 -18.20
CA LYS B 106 13.74 -18.19 -17.59
C LYS B 106 12.65 -18.11 -18.67
N VAL B 107 11.65 -18.99 -18.56
CA VAL B 107 10.52 -18.97 -19.46
C VAL B 107 9.65 -17.75 -19.20
N LEU B 108 9.21 -17.10 -20.27
CA LEU B 108 8.25 -16.00 -20.14
C LEU B 108 6.86 -16.52 -20.47
N ALA B 109 5.90 -16.24 -19.60
CA ALA B 109 4.55 -16.77 -19.76
C ALA B 109 3.46 -15.75 -19.43
N VAL B 110 2.23 -16.09 -19.82
CA VAL B 110 1.03 -15.33 -19.47
C VAL B 110 -0.02 -16.32 -18.97
N PRO B 111 -1.05 -15.83 -18.27
CA PRO B 111 -2.07 -16.79 -17.79
C PRO B 111 -2.76 -17.46 -18.97
N VAL B 112 -3.30 -18.66 -18.75
CA VAL B 112 -4.11 -19.29 -19.80
C VAL B 112 -5.29 -18.38 -20.11
N VAL B 113 -5.85 -18.52 -21.31
CA VAL B 113 -6.92 -17.63 -21.74
C VAL B 113 -8.11 -17.62 -20.78
N LYS B 114 -8.49 -18.81 -20.31
CA LYS B 114 -9.57 -18.94 -19.33
C LYS B 114 -9.40 -18.01 -18.14
N ALA B 115 -8.16 -17.84 -17.69
CA ALA B 115 -7.88 -17.03 -16.50
C ALA B 115 -7.68 -15.57 -16.84
N CYS B 116 -7.24 -15.28 -18.06
CA CYS B 116 -7.04 -13.89 -18.48
C CYS B 116 -7.45 -13.66 -19.93
N ARG B 117 -8.70 -13.30 -20.14
CA ARG B 117 -9.22 -13.00 -21.47
C ARG B 117 -8.46 -11.87 -22.14
N ALA B 118 -8.08 -10.87 -21.35
CA ALA B 118 -7.47 -9.66 -21.88
C ALA B 118 -6.16 -9.91 -22.64
N TYR B 119 -5.55 -11.06 -22.40
CA TYR B 119 -4.27 -11.38 -23.03
C TYR B 119 -4.40 -12.40 -24.14
N GLU B 120 -5.63 -12.70 -24.53
CA GLU B 120 -5.89 -13.73 -25.53
C GLU B 120 -5.12 -13.48 -26.83
N ALA B 121 -4.96 -12.22 -27.20
CA ALA B 121 -4.28 -11.87 -28.44
C ALA B 121 -2.76 -12.00 -28.33
N ILE B 122 -2.25 -12.08 -27.11
CA ILE B 122 -0.82 -12.24 -26.90
C ILE B 122 -0.40 -13.70 -27.08
N GLN B 123 0.33 -13.98 -28.15
CA GLN B 123 0.67 -15.37 -28.50
C GLN B 123 2.17 -15.60 -28.70
N SER B 124 2.93 -14.53 -28.83
CA SER B 124 4.38 -14.63 -28.98
C SER B 124 5.06 -13.39 -28.44
N LEU B 125 6.38 -13.45 -28.33
CA LEU B 125 7.16 -12.32 -27.81
C LEU B 125 6.89 -11.01 -28.55
N LYS B 126 6.62 -11.11 -29.85
CA LYS B 126 6.40 -9.92 -30.65
C LYS B 126 5.15 -9.17 -30.22
N ASP B 127 4.24 -9.89 -29.56
CA ASP B 127 3.01 -9.29 -29.06
C ASP B 127 3.26 -8.50 -27.77
N ILE B 128 4.45 -8.66 -27.20
CA ILE B 128 4.85 -7.89 -26.03
C ILE B 128 5.66 -6.68 -26.47
N SER B 129 5.40 -5.52 -25.87
CA SER B 129 6.14 -4.31 -26.25
C SER B 129 7.63 -4.48 -25.97
N SER B 130 8.45 -4.14 -26.95
CA SER B 130 9.89 -4.30 -26.80
C SER B 130 10.41 -3.51 -25.61
N LEU B 131 9.68 -2.48 -25.22
CA LEU B 131 10.09 -1.66 -24.08
C LEU B 131 10.00 -2.47 -22.78
N LEU B 132 8.99 -3.31 -22.68
CA LEU B 132 8.81 -4.15 -21.50
C LEU B 132 9.86 -5.25 -21.45
N LEU B 133 10.12 -5.87 -22.60
CA LEU B 133 11.15 -6.89 -22.70
C LEU B 133 12.52 -6.31 -22.37
N ASP B 134 12.75 -5.07 -22.79
CA ASP B 134 14.00 -4.39 -22.49
C ASP B 134 14.12 -4.12 -20.99
N ALA B 135 13.02 -3.71 -20.38
CA ALA B 135 12.98 -3.48 -18.94
C ALA B 135 13.26 -4.77 -18.17
N ILE B 136 12.70 -5.87 -18.66
CA ILE B 136 12.88 -7.17 -18.02
C ILE B 136 14.34 -7.63 -18.12
N SER B 137 14.90 -7.56 -19.32
CA SER B 137 16.29 -7.95 -19.55
C SER B 137 17.23 -7.09 -18.72
N HIS B 138 16.99 -5.79 -18.72
CA HIS B 138 17.80 -4.86 -17.94
C HIS B 138 17.79 -5.24 -16.46
N PHE B 139 16.60 -5.53 -15.92
CA PHE B 139 16.49 -5.94 -14.53
C PHE B 139 17.37 -7.14 -14.20
N PHE B 140 17.30 -8.19 -15.02
CA PHE B 140 18.04 -9.40 -14.70
C PHE B 140 19.54 -9.27 -14.94
N GLU B 141 19.92 -8.30 -15.73
CA GLU B 141 21.33 -7.99 -15.92
C GLU B 141 21.91 -7.22 -14.75
N ARG B 142 21.07 -6.46 -14.06
CA ARG B 142 21.56 -5.51 -13.06
C ARG B 142 21.18 -5.84 -11.61
N TYR B 143 20.25 -6.76 -11.40
CA TYR B 143 19.71 -6.96 -10.06
C TYR B 143 20.67 -7.61 -9.05
N LYS B 144 21.79 -8.15 -9.54
CA LYS B 144 22.80 -8.72 -8.65
C LYS B 144 23.98 -7.79 -8.44
N ASP B 145 23.93 -6.61 -9.04
CA ASP B 145 25.05 -5.67 -9.04
C ASP B 145 25.70 -5.43 -7.68
N LEU B 146 24.91 -5.39 -6.62
CA LEU B 146 25.44 -5.07 -5.29
C LEU B 146 25.64 -6.30 -4.42
N GLU B 147 25.41 -7.47 -4.98
CA GLU B 147 25.55 -8.70 -4.21
C GLU B 147 26.91 -9.33 -4.46
N PRO B 148 27.66 -9.60 -3.38
CA PRO B 148 29.00 -10.20 -3.48
C PRO B 148 28.94 -11.60 -4.09
N ASN B 149 29.91 -11.90 -4.94
CA ASN B 149 30.09 -13.26 -5.45
C ASN B 149 28.92 -13.71 -6.34
N LYS B 150 28.20 -12.75 -6.89
CA LYS B 150 27.12 -13.01 -7.83
C LYS B 150 27.40 -12.36 -9.17
N TRP B 151 26.69 -12.80 -10.20
CA TRP B 151 26.96 -12.34 -11.56
C TRP B 151 25.82 -12.76 -12.47
N ALA B 152 25.53 -11.92 -13.47
CA ALA B 152 24.47 -12.21 -14.41
C ALA B 152 24.79 -11.63 -15.78
N LYS B 153 24.34 -12.33 -16.82
CA LYS B 153 24.52 -11.86 -18.18
C LYS B 153 23.36 -12.40 -19.01
N VAL B 154 22.49 -11.51 -19.45
CA VAL B 154 21.37 -11.90 -20.31
C VAL B 154 21.81 -11.95 -21.76
N LYS B 155 21.55 -13.08 -22.42
CA LYS B 155 22.01 -13.31 -23.78
C LYS B 155 21.00 -12.82 -24.83
N GLY B 156 19.71 -12.98 -24.53
CA GLY B 156 18.67 -12.58 -25.45
C GLY B 156 17.38 -13.33 -25.25
N TRP B 157 16.40 -13.07 -26.11
CA TRP B 157 15.12 -13.76 -26.06
C TRP B 157 15.01 -14.80 -27.17
N GLU B 158 14.54 -16.00 -26.82
CA GLU B 158 14.26 -17.03 -27.81
C GLU B 158 12.75 -17.30 -27.86
N ASP B 159 12.32 -18.05 -28.87
CA ASP B 159 10.90 -18.21 -29.14
C ASP B 159 10.22 -19.32 -28.36
N LYS B 160 8.91 -19.45 -28.58
CA LYS B 160 8.08 -20.43 -27.87
C LYS B 160 8.61 -21.85 -28.03
N GLU B 161 9.08 -22.19 -29.22
CA GLU B 161 9.65 -23.51 -29.46
C GLU B 161 10.87 -23.77 -28.58
N ALA B 162 11.70 -22.75 -28.39
CA ALA B 162 12.85 -22.86 -27.50
C ALA B 162 12.38 -23.06 -26.06
N ALA B 163 11.33 -22.36 -25.67
CA ALA B 163 10.80 -22.48 -24.32
C ALA B 163 10.31 -23.90 -24.08
N LYS B 164 9.64 -24.44 -25.09
CA LYS B 164 9.11 -25.81 -25.04
C LYS B 164 10.23 -26.83 -24.83
N LYS B 165 11.29 -26.71 -25.63
CA LYS B 165 12.44 -27.60 -25.51
C LYS B 165 12.96 -27.64 -24.07
N GLU B 166 13.26 -26.46 -23.52
CA GLU B 166 13.79 -26.34 -22.18
C GLU B 166 12.81 -26.89 -21.16
N PHE B 167 11.53 -26.61 -21.36
CA PHE B 167 10.47 -27.08 -20.47
C PHE B 167 10.45 -28.61 -20.43
N GLU B 168 10.44 -29.23 -21.60
CA GLU B 168 10.38 -30.69 -21.67
C GLU B 168 11.64 -31.37 -21.13
N ALA B 169 12.79 -30.76 -21.38
CA ALA B 169 14.05 -31.30 -20.87
C ALA B 169 14.14 -31.23 -19.35
N SER B 170 13.66 -30.12 -18.77
CA SER B 170 13.68 -29.95 -17.33
C SER B 170 12.73 -30.94 -16.65
N ILE B 171 11.71 -31.37 -17.38
CA ILE B 171 10.82 -32.41 -16.90
C ILE B 171 11.57 -33.75 -16.92
N VAL B 172 12.31 -33.97 -18.01
CA VAL B 172 13.12 -35.17 -18.13
C VAL B 172 14.10 -35.30 -16.96
N ARG B 173 14.83 -34.23 -16.67
CA ARG B 173 15.78 -34.25 -15.58
C ARG B 173 15.11 -34.66 -14.28
N PHE B 174 13.97 -34.04 -13.99
CA PHE B 174 13.24 -34.35 -12.76
C PHE B 174 12.97 -35.85 -12.68
N LYS B 175 12.37 -36.39 -13.73
CA LYS B 175 12.01 -37.81 -13.78
C LYS B 175 13.21 -38.74 -13.59
N GLU B 176 14.39 -38.28 -14.02
CA GLU B 176 15.59 -39.11 -13.99
C GLU B 176 16.09 -39.41 -12.59
N LYS B 177 15.26 -39.16 -11.58
CA LYS B 177 15.60 -39.47 -10.21
C LYS B 177 14.40 -39.30 -9.28
N LEU C 7 8.03 -32.26 12.59
CA LEU C 7 7.66 -31.60 11.33
C LEU C 7 8.76 -30.64 10.86
N VAL C 8 8.80 -29.46 11.45
CA VAL C 8 9.80 -28.46 11.08
C VAL C 8 10.80 -28.27 12.22
N SER C 9 12.09 -28.44 11.92
CA SER C 9 13.12 -28.38 12.94
C SER C 9 13.34 -26.95 13.44
N ALA C 10 13.90 -26.84 14.64
CA ALA C 10 14.18 -25.53 15.24
C ALA C 10 15.32 -24.83 14.52
N GLY C 11 16.09 -25.60 13.76
CA GLY C 11 17.23 -25.06 13.02
C GLY C 11 18.55 -25.62 13.47
N LYS C 12 19.64 -24.99 13.04
CA LYS C 12 20.99 -25.45 13.38
C LYS C 12 21.46 -24.97 14.74
N GLY C 13 21.22 -23.71 15.06
CA GLY C 13 21.65 -23.15 16.33
C GLY C 13 21.30 -21.68 16.51
N ILE C 14 21.82 -21.09 17.57
CA ILE C 14 21.50 -19.70 17.90
C ILE C 14 21.92 -18.72 16.81
N ASP C 15 22.85 -19.15 15.96
CA ASP C 15 23.33 -18.31 14.86
C ASP C 15 22.58 -18.58 13.58
N ASP C 16 21.77 -19.64 13.59
CA ASP C 16 21.00 -20.02 12.41
C ASP C 16 19.85 -20.94 12.80
N PHE C 17 18.70 -20.33 13.10
CA PHE C 17 17.53 -21.11 13.48
C PHE C 17 16.27 -20.67 12.72
N ASN C 18 15.25 -21.52 12.79
CA ASN C 18 14.02 -21.31 12.03
C ASN C 18 12.97 -20.51 12.80
N VAL C 19 12.33 -19.58 12.10
CA VAL C 19 11.22 -18.83 12.65
C VAL C 19 10.05 -18.79 11.68
N ILE C 20 8.87 -19.17 12.16
CA ILE C 20 7.65 -18.99 11.40
C ILE C 20 7.06 -17.64 11.78
N ILE C 21 6.98 -16.74 10.81
CA ILE C 21 6.45 -15.41 11.05
C ILE C 21 4.93 -15.43 11.15
N GLU C 22 4.40 -14.75 12.17
CA GLU C 22 2.96 -14.70 12.37
C GLU C 22 2.40 -13.30 12.19
N ILE C 23 3.19 -12.30 12.56
CA ILE C 23 2.79 -10.90 12.44
C ILE C 23 3.92 -10.11 11.77
N PRO C 24 3.60 -9.41 10.68
CA PRO C 24 4.63 -8.66 9.95
C PRO C 24 4.95 -7.34 10.63
N ALA C 25 6.16 -6.84 10.45
CA ALA C 25 6.49 -5.52 10.93
C ALA C 25 5.45 -4.54 10.38
N ASN C 26 5.06 -3.57 11.20
CA ASN C 26 4.02 -2.61 10.83
C ASN C 26 2.61 -3.18 10.84
N GLY C 27 2.48 -4.47 11.14
CA GLY C 27 1.17 -5.10 11.22
C GLY C 27 0.59 -5.01 12.63
N GLY C 28 -0.38 -5.86 12.94
CA GLY C 28 -0.95 -5.89 14.27
C GLY C 28 -2.45 -5.73 14.34
N GLU C 29 -3.01 -4.98 13.38
CA GLU C 29 -4.46 -4.79 13.34
C GLU C 29 -5.20 -6.12 13.28
N VAL C 30 -4.59 -7.09 12.61
CA VAL C 30 -5.04 -8.48 12.69
C VAL C 30 -3.86 -9.34 13.15
N LYS C 31 -4.06 -10.09 14.23
CA LYS C 31 -3.05 -11.02 14.73
C LYS C 31 -3.31 -12.38 14.13
N TYR C 32 -2.32 -12.93 13.45
CA TYR C 32 -2.40 -14.31 12.98
C TYR C 32 -1.65 -15.21 13.96
N GLU C 33 -2.00 -16.50 13.95
CA GLU C 33 -1.19 -17.50 14.62
C GLU C 33 -1.22 -18.77 13.79
N TYR C 34 -0.09 -19.47 13.73
CA TYR C 34 -0.04 -20.67 12.91
C TYR C 34 -0.51 -21.89 13.67
N ASP C 35 -1.46 -22.60 13.08
CA ASP C 35 -2.02 -23.81 13.68
C ASP C 35 -1.32 -25.04 13.11
N LYS C 36 -0.43 -25.62 13.91
CA LYS C 36 0.38 -26.75 13.44
C LYS C 36 -0.48 -27.99 13.18
N GLU C 37 -1.57 -28.13 13.91
CA GLU C 37 -2.44 -29.29 13.79
C GLU C 37 -3.24 -29.27 12.49
N LEU C 38 -3.62 -28.08 12.04
CA LEU C 38 -4.39 -27.93 10.80
C LEU C 38 -3.49 -27.68 9.60
N GLY C 39 -2.30 -27.13 9.84
CA GLY C 39 -1.40 -26.76 8.76
C GLY C 39 -1.87 -25.51 8.07
N PHE C 40 -2.47 -24.61 8.85
CA PHE C 40 -2.97 -23.34 8.32
C PHE C 40 -2.60 -22.19 9.23
N LEU C 41 -2.26 -21.06 8.61
CA LEU C 41 -2.20 -19.79 9.32
C LEU C 41 -3.64 -19.42 9.64
N THR C 42 -3.90 -19.04 10.88
CA THR C 42 -5.25 -18.71 11.29
C THR C 42 -5.33 -17.30 11.85
N VAL C 43 -6.54 -16.77 11.94
CA VAL C 43 -6.75 -15.51 12.63
C VAL C 43 -6.79 -15.76 14.13
N ASP C 44 -5.98 -15.02 14.87
CA ASP C 44 -5.98 -15.05 16.32
C ASP C 44 -7.03 -14.07 16.82
N ARG C 45 -6.73 -12.79 16.64
CA ARG C 45 -7.61 -11.71 17.07
C ARG C 45 -7.37 -10.46 16.23
N PHE C 46 -8.39 -9.62 16.15
CA PHE C 46 -8.24 -8.27 15.61
C PHE C 46 -8.04 -7.32 16.77
N PRO C 48 -7.82 -3.47 18.44
CA PRO C 48 -8.34 -2.11 18.34
C PRO C 48 -7.25 -1.05 18.50
N THR C 49 -6.21 -1.37 19.25
CA THR C 49 -5.17 -0.39 19.57
C THR C 49 -4.57 0.25 18.32
N SER C 50 -4.10 1.48 18.47
CA SER C 50 -3.42 2.17 17.38
C SER C 50 -1.95 1.78 17.34
N ARG C 52 1.22 -0.48 16.37
CA ARG C 52 1.64 -1.35 15.27
C ARG C 52 2.94 -2.05 15.66
N TYR C 53 3.09 -3.31 15.27
CA TYR C 53 4.30 -4.06 15.61
C TYR C 53 5.54 -3.38 15.07
N PRO C 54 6.55 -3.17 15.93
CA PRO C 54 7.77 -2.46 15.57
C PRO C 54 8.73 -3.36 14.79
N CYS C 55 8.43 -4.65 14.75
CA CYS C 55 9.21 -5.61 13.97
C CYS C 55 8.36 -6.83 13.68
N ASN C 56 8.89 -7.76 12.88
CA ASN C 56 8.18 -9.00 12.60
C ASN C 56 8.13 -9.86 13.85
N TYR C 57 7.09 -10.67 13.98
CA TYR C 57 6.90 -11.47 15.17
C TYR C 57 6.52 -12.90 14.80
N GLY C 58 7.16 -13.87 15.46
CA GLY C 58 6.89 -15.26 15.19
C GLY C 58 7.41 -16.18 16.29
N PHE C 59 7.59 -17.45 15.96
CA PHE C 59 8.03 -18.43 16.94
C PHE C 59 9.01 -19.41 16.32
N VAL C 60 9.74 -20.13 17.17
CA VAL C 60 10.62 -21.18 16.70
C VAL C 60 9.89 -22.51 16.82
N PRO C 61 9.72 -23.22 15.69
CA PRO C 61 9.08 -24.54 15.71
C PRO C 61 9.96 -25.59 16.38
N SER C 62 9.35 -26.54 17.07
CA SER C 62 10.07 -27.60 17.75
C SER C 62 10.82 -27.06 18.98
N THR C 63 10.23 -26.07 19.64
CA THR C 63 10.74 -25.58 20.91
C THR C 63 9.56 -25.47 21.87
N LEU C 64 9.87 -25.41 23.16
CA LEU C 64 8.84 -25.27 24.18
C LEU C 64 9.28 -24.28 25.25
N ALA C 65 8.56 -23.17 25.35
CA ALA C 65 8.87 -22.14 26.34
C ALA C 65 8.12 -22.39 27.64
N GLN C 66 8.28 -21.48 28.60
CA GLN C 66 7.63 -21.60 29.90
C GLN C 66 6.11 -21.60 29.77
N ASP C 67 5.59 -20.66 28.97
CA ASP C 67 4.15 -20.47 28.82
C ASP C 67 3.47 -21.60 28.05
N GLY C 68 4.22 -22.64 27.71
CA GLY C 68 3.66 -23.79 27.03
C GLY C 68 3.68 -23.66 25.52
N ASP C 69 3.95 -22.45 25.03
CA ASP C 69 4.03 -22.21 23.59
C ASP C 69 5.49 -22.27 23.12
N PRO C 70 5.70 -22.41 21.81
CA PRO C 70 7.07 -22.37 21.27
C PRO C 70 7.76 -21.05 21.62
N LEU C 71 9.08 -21.01 21.52
CA LEU C 71 9.84 -19.81 21.84
C LEU C 71 9.44 -18.65 20.92
N ASP C 72 9.16 -17.49 21.52
CA ASP C 72 8.81 -16.28 20.77
C ASP C 72 10.06 -15.61 20.21
N VAL C 73 9.93 -15.08 19.00
CA VAL C 73 11.04 -14.38 18.36
C VAL C 73 10.60 -13.07 17.71
N LEU C 74 11.36 -12.01 17.94
CA LEU C 74 11.19 -10.76 17.23
C LEU C 74 12.27 -10.69 16.18
N VAL C 75 11.88 -10.46 14.93
CA VAL C 75 12.85 -10.40 13.85
C VAL C 75 12.87 -9.04 13.16
N LEU C 76 14.03 -8.40 13.15
CA LEU C 76 14.21 -7.12 12.48
C LEU C 76 14.63 -7.33 11.02
N THR C 77 13.86 -6.77 10.10
CA THR C 77 14.18 -6.86 8.67
C THR C 77 14.05 -5.50 7.98
N PRO C 78 14.75 -5.32 6.85
CA PRO C 78 14.69 -4.07 6.09
C PRO C 78 13.27 -3.75 5.64
N VAL C 79 12.47 -4.78 5.37
CA VAL C 79 11.07 -4.60 5.03
C VAL C 79 10.27 -5.76 5.61
N PRO C 80 8.96 -5.54 5.83
CA PRO C 80 8.11 -6.55 6.47
C PRO C 80 8.08 -7.87 5.69
N VAL C 81 7.83 -8.96 6.41
CA VAL C 81 7.75 -10.28 5.81
C VAL C 81 6.31 -10.79 5.86
N GLN C 82 5.88 -11.44 4.78
CA GLN C 82 4.53 -11.98 4.71
C GLN C 82 4.28 -12.99 5.83
N PRO C 83 3.15 -12.86 6.54
CA PRO C 83 2.84 -13.82 7.60
C PRO C 83 2.67 -15.24 7.06
N GLY C 84 3.11 -16.23 7.83
CA GLY C 84 3.04 -17.62 7.42
C GLY C 84 4.33 -18.09 6.76
N VAL C 85 5.26 -17.17 6.57
CA VAL C 85 6.53 -17.50 5.94
C VAL C 85 7.54 -18.02 6.98
N LEU C 86 8.42 -18.91 6.54
CA LEU C 86 9.48 -19.43 7.40
C LEU C 86 10.80 -18.78 7.01
N ARG C 88 15.21 -18.08 8.20
CA ARG C 88 16.37 -18.45 9.00
C ARG C 88 17.03 -17.20 9.57
N VAL C 89 17.20 -17.19 10.89
CA VAL C 89 17.65 -15.99 11.58
C VAL C 89 18.79 -16.29 12.55
N ARG C 90 19.42 -15.23 13.05
CA ARG C 90 20.46 -15.33 14.06
C ARG C 90 20.13 -14.35 15.18
N ALA C 91 20.36 -14.77 16.42
CA ALA C 91 19.97 -13.94 17.57
C ALA C 91 20.96 -12.83 17.86
N LEU C 92 20.44 -11.71 18.36
CA LEU C 92 21.28 -10.61 18.83
C LEU C 92 21.24 -10.55 20.36
N GLY C 93 20.12 -10.97 20.91
CA GLY C 93 19.90 -10.92 22.35
C GLY C 93 18.48 -11.32 22.68
N ILE C 94 18.02 -10.97 23.89
CA ILE C 94 16.71 -11.40 24.35
C ILE C 94 16.04 -10.36 25.25
N LYS C 96 13.68 -9.59 28.17
CA LYS C 96 13.10 -10.21 29.35
C LYS C 96 11.85 -9.46 29.75
N GLU C 98 7.57 -9.90 31.67
CA GLU C 98 6.55 -10.67 32.37
C GLU C 98 5.20 -10.03 32.12
N ASP C 99 4.18 -10.85 31.91
CA ASP C 99 2.81 -10.36 31.80
C ASP C 99 1.93 -10.99 32.87
N GLU C 100 0.62 -10.81 32.75
CA GLU C 100 -0.30 -11.30 33.77
C GLU C 100 -0.27 -12.81 33.91
N ALA C 101 0.38 -13.48 32.97
CA ALA C 101 0.45 -14.95 32.97
C ALA C 101 1.84 -15.48 33.31
N GLY C 102 2.74 -14.59 33.70
CA GLY C 102 4.06 -14.98 34.11
C GLY C 102 5.16 -14.53 33.16
N GLU C 103 6.36 -15.08 33.33
CA GLU C 103 7.49 -14.72 32.50
C GLU C 103 7.31 -15.24 31.08
N ASP C 104 7.71 -14.43 30.10
CA ASP C 104 7.53 -14.77 28.70
C ASP C 104 8.47 -13.97 27.82
N SER C 105 9.76 -14.31 27.87
CA SER C 105 10.79 -13.57 27.15
C SER C 105 10.68 -13.75 25.64
N LYS C 106 11.35 -12.87 24.91
CA LYS C 106 11.34 -12.90 23.46
C LYS C 106 12.73 -12.69 22.88
N VAL C 107 13.18 -13.65 22.08
CA VAL C 107 14.48 -13.56 21.43
C VAL C 107 14.43 -12.49 20.34
N LEU C 108 15.43 -11.61 20.31
CA LEU C 108 15.54 -10.61 19.26
C LEU C 108 16.54 -11.07 18.21
N ALA C 109 16.15 -11.03 16.94
CA ALA C 109 16.98 -11.61 15.89
C ALA C 109 16.98 -10.82 14.60
N VAL C 110 17.93 -11.12 13.73
CA VAL C 110 17.99 -10.57 12.38
C VAL C 110 18.19 -11.74 11.42
N PRO C 111 18.03 -11.49 10.10
CA PRO C 111 18.24 -12.60 9.16
C PRO C 111 19.70 -13.04 9.12
N VAL C 112 19.95 -14.29 8.76
CA VAL C 112 21.31 -14.76 8.56
C VAL C 112 21.99 -13.88 7.52
N VAL C 113 23.31 -13.80 7.58
CA VAL C 113 24.05 -12.92 6.68
C VAL C 113 23.72 -13.19 5.21
N LYS C 114 23.69 -14.46 4.83
CA LYS C 114 23.41 -14.84 3.44
C LYS C 114 22.09 -14.28 2.93
N ALA C 115 21.18 -13.95 3.85
CA ALA C 115 19.86 -13.49 3.47
C ALA C 115 19.70 -11.97 3.57
N CYS C 116 20.59 -11.32 4.31
CA CYS C 116 20.50 -9.87 4.48
C CYS C 116 21.85 -9.23 4.72
N ARG C 117 22.52 -8.86 3.64
CA ARG C 117 23.82 -8.19 3.72
C ARG C 117 23.71 -6.88 4.50
N ALA C 118 22.58 -6.20 4.32
CA ALA C 118 22.36 -4.91 4.97
C ALA C 118 22.65 -4.94 6.48
N TYR C 119 22.27 -6.03 7.14
CA TYR C 119 22.43 -6.14 8.60
C TYR C 119 23.67 -6.91 9.00
N GLU C 120 24.59 -7.12 8.06
CA GLU C 120 25.80 -7.90 8.30
C GLU C 120 26.62 -7.35 9.47
N ALA C 121 26.61 -6.04 9.64
CA ALA C 121 27.41 -5.39 10.67
C ALA C 121 26.75 -5.45 12.05
N ILE C 122 25.51 -5.91 12.10
CA ILE C 122 24.80 -6.05 13.36
C ILE C 122 25.04 -7.43 13.95
N GLN C 123 25.87 -7.51 15.01
CA GLN C 123 26.26 -8.80 15.56
C GLN C 123 25.80 -9.03 17.01
N SER C 124 25.34 -7.98 17.67
CA SER C 124 24.87 -8.10 19.05
C SER C 124 24.00 -6.91 19.44
N LEU C 125 23.36 -6.99 20.60
CA LEU C 125 22.45 -5.94 21.05
C LEU C 125 23.07 -4.55 21.01
N LYS C 126 24.35 -4.47 21.36
CA LYS C 126 25.05 -3.18 21.39
C LYS C 126 25.01 -2.51 20.02
N ASP C 127 24.85 -3.32 18.98
CA ASP C 127 24.82 -2.81 17.62
C ASP C 127 23.46 -2.23 17.27
N ILE C 128 22.49 -2.44 18.14
CA ILE C 128 21.15 -1.87 17.96
C ILE C 128 21.03 -0.55 18.71
N SER C 129 20.52 0.47 18.04
CA SER C 129 20.29 1.76 18.69
C SER C 129 19.37 1.59 19.89
N SER C 130 19.67 2.28 20.97
CA SER C 130 18.85 2.19 22.18
C SER C 130 17.43 2.70 21.93
N LEU C 131 17.29 3.59 20.94
CA LEU C 131 16.00 4.17 20.61
C LEU C 131 15.05 3.15 19.98
N LEU C 132 15.59 2.24 19.19
CA LEU C 132 14.78 1.18 18.60
C LEU C 132 14.37 0.18 19.67
N LEU C 133 15.29 -0.14 20.57
CA LEU C 133 14.99 -1.03 21.69
C LEU C 133 13.89 -0.43 22.58
N ASP C 134 13.96 0.87 22.81
CA ASP C 134 12.94 1.56 23.60
C ASP C 134 11.58 1.48 22.91
N ALA C 135 11.58 1.62 21.59
CA ALA C 135 10.34 1.56 20.81
C ALA C 135 9.72 0.17 20.86
N ILE C 136 10.58 -0.86 20.82
CA ILE C 136 10.11 -2.23 20.93
C ILE C 136 9.57 -2.49 22.34
N SER C 137 10.34 -2.11 23.35
N SER C 137 10.35 -2.09 23.34
CA SER C 137 9.92 -2.26 24.74
CA SER C 137 9.94 -2.25 24.74
C SER C 137 8.59 -1.55 24.98
C SER C 137 8.62 -1.54 25.01
N HIS C 138 8.49 -0.33 24.46
CA HIS C 138 7.28 0.47 24.64
C HIS C 138 6.08 -0.24 24.04
N PHE C 139 6.25 -0.82 22.86
CA PHE C 139 5.14 -1.51 22.21
C PHE C 139 4.55 -2.60 23.09
N PHE C 140 5.40 -3.48 23.60
CA PHE C 140 4.93 -4.61 24.39
C PHE C 140 4.41 -4.22 25.76
N GLU C 141 4.83 -3.06 26.26
CA GLU C 141 4.32 -2.56 27.53
C GLU C 141 2.97 -1.86 27.38
N ARG C 142 2.64 -1.43 26.17
CA ARG C 142 1.47 -0.57 25.96
C ARG C 142 0.37 -1.20 25.11
N TYR C 143 0.73 -2.15 24.26
CA TYR C 143 -0.22 -2.63 23.25
C TYR C 143 -1.41 -3.39 23.85
N LYS C 144 -1.33 -3.71 25.14
CA LYS C 144 -2.46 -4.35 25.81
C LYS C 144 -3.13 -3.42 26.82
N ASP C 145 -2.87 -2.12 26.69
CA ASP C 145 -3.45 -1.14 27.60
C ASP C 145 -4.97 -1.14 27.57
N LEU C 146 -5.55 -1.22 26.38
CA LEU C 146 -7.00 -1.14 26.22
C LEU C 146 -7.72 -2.34 26.83
N GLU C 147 -6.95 -3.18 27.52
CA GLU C 147 -7.53 -4.31 28.24
C GLU C 147 -7.02 -4.30 29.68
N PRO C 148 -7.79 -3.68 30.58
CA PRO C 148 -7.43 -3.64 32.00
C PRO C 148 -7.28 -5.05 32.56
N ASN C 149 -6.62 -5.17 33.71
CA ASN C 149 -6.29 -6.47 34.28
C ASN C 149 -5.41 -7.30 33.36
N LYS C 150 -4.96 -6.68 32.27
CA LYS C 150 -3.96 -7.27 31.40
C LYS C 150 -2.77 -6.32 31.32
N TRP C 151 -1.64 -6.74 31.86
CA TRP C 151 -0.47 -5.88 31.95
C TRP C 151 0.77 -6.54 31.36
N ALA C 152 1.81 -5.73 31.14
CA ALA C 152 3.08 -6.22 30.63
C ALA C 152 4.22 -5.35 31.13
N LYS C 153 5.30 -6.00 31.53
CA LYS C 153 6.48 -5.29 32.03
C LYS C 153 7.76 -5.88 31.43
N VAL C 154 8.52 -5.05 30.74
CA VAL C 154 9.80 -5.46 30.20
C VAL C 154 10.89 -5.23 31.24
N LYS C 155 11.51 -6.30 31.70
CA LYS C 155 12.55 -6.18 32.73
C LYS C 155 13.80 -5.54 32.16
N GLY C 156 14.09 -5.82 30.90
CA GLY C 156 15.27 -5.28 30.24
C GLY C 156 15.74 -6.16 29.10
N TRP C 157 16.91 -5.83 28.56
CA TRP C 157 17.48 -6.57 27.44
C TRP C 157 18.76 -7.27 27.85
N GLU C 158 18.87 -8.56 27.51
CA GLU C 158 20.05 -9.33 27.82
C GLU C 158 20.74 -9.85 26.57
N ASP C 159 22.04 -10.12 26.69
CA ASP C 159 22.91 -10.39 25.54
C ASP C 159 22.60 -11.68 24.79
N LYS C 160 23.39 -11.92 23.74
CA LYS C 160 23.21 -13.09 22.89
C LYS C 160 23.40 -14.40 23.64
N GLU C 161 24.27 -14.37 24.64
CA GLU C 161 24.56 -15.59 25.40
C GLU C 161 23.33 -16.00 26.21
N ALA C 162 22.66 -15.02 26.81
CA ALA C 162 21.41 -15.28 27.51
C ALA C 162 20.35 -15.76 26.52
N ALA C 163 20.37 -15.20 25.32
CA ALA C 163 19.45 -15.63 24.28
C ALA C 163 19.70 -17.10 23.94
N LYS C 164 20.97 -17.46 23.80
CA LYS C 164 21.38 -18.82 23.45
C LYS C 164 20.97 -19.82 24.52
N LYS C 165 21.05 -19.42 25.78
CA LYS C 165 20.68 -20.30 26.89
C LYS C 165 19.19 -20.66 26.82
N GLU C 166 18.35 -19.65 26.64
CA GLU C 166 16.90 -19.85 26.56
C GLU C 166 16.51 -20.66 25.32
N PHE C 167 17.20 -20.41 24.21
CA PHE C 167 16.96 -21.16 22.98
C PHE C 167 17.24 -22.64 23.19
N GLU C 168 18.40 -22.96 23.75
CA GLU C 168 18.78 -24.34 23.99
C GLU C 168 17.90 -24.99 25.05
N ALA C 169 17.53 -24.20 26.07
CA ALA C 169 16.65 -24.69 27.12
C ALA C 169 15.27 -25.02 26.57
N SER C 170 14.81 -24.21 25.61
CA SER C 170 13.48 -24.42 25.02
C SER C 170 13.48 -25.60 24.06
N ILE C 171 14.64 -25.91 23.48
CA ILE C 171 14.77 -27.08 22.63
C ILE C 171 14.77 -28.34 23.49
N VAL C 172 15.36 -28.23 24.68
CA VAL C 172 15.35 -29.33 25.63
C VAL C 172 13.93 -29.73 26.00
N ARG C 173 13.16 -28.76 26.49
CA ARG C 173 11.78 -29.02 26.91
C ARG C 173 10.99 -29.72 25.80
N PHE C 174 11.40 -29.52 24.56
CA PHE C 174 10.69 -30.13 23.43
C PHE C 174 11.25 -31.52 23.12
N VAL D 8 -3.81 29.15 -14.34
CA VAL D 8 -3.14 28.10 -15.09
C VAL D 8 -3.67 28.01 -16.51
N SER D 9 -2.78 28.02 -17.49
CA SER D 9 -3.16 27.92 -18.88
C SER D 9 -3.80 26.57 -19.19
N ALA D 10 -4.61 26.53 -20.24
CA ALA D 10 -5.23 25.28 -20.68
C ALA D 10 -4.20 24.40 -21.36
N GLY D 11 -3.13 25.01 -21.86
CA GLY D 11 -2.10 24.28 -22.58
C GLY D 11 -2.06 24.68 -24.05
N LYS D 12 -1.18 24.02 -24.81
CA LYS D 12 -0.98 24.36 -26.21
C LYS D 12 -2.19 24.02 -27.08
N GLY D 13 -2.70 22.80 -26.92
CA GLY D 13 -3.83 22.35 -27.71
C GLY D 13 -4.19 20.90 -27.40
N ILE D 14 -4.92 20.29 -28.33
CA ILE D 14 -5.46 18.94 -28.13
C ILE D 14 -4.36 17.89 -28.00
N ASP D 15 -3.19 18.19 -28.54
CA ASP D 15 -2.06 17.26 -28.50
C ASP D 15 -1.11 17.58 -27.36
N ASP D 16 -1.41 18.63 -26.61
CA ASP D 16 -0.60 19.00 -25.46
C ASP D 16 -1.33 20.03 -24.60
N PHE D 17 -2.13 19.53 -23.66
CA PHE D 17 -2.86 20.42 -22.76
C PHE D 17 -2.68 20.02 -21.29
N ASN D 18 -3.03 20.93 -20.39
CA ASN D 18 -2.84 20.73 -18.96
C ASN D 18 -4.05 20.10 -18.30
N VAL D 19 -3.81 19.22 -17.33
CA VAL D 19 -4.87 18.60 -16.55
C VAL D 19 -4.49 18.56 -15.07
N ILE D 20 -5.39 19.03 -14.22
CA ILE D 20 -5.21 18.91 -12.79
C ILE D 20 -5.93 17.65 -12.32
N ILE D 21 -5.17 16.70 -11.79
CA ILE D 21 -5.73 15.42 -11.35
C ILE D 21 -6.47 15.56 -10.03
N GLU D 22 -7.71 15.09 -9.99
CA GLU D 22 -8.52 15.15 -8.79
C GLU D 22 -8.67 13.76 -8.15
N ILE D 23 -8.72 12.73 -8.98
CA ILE D 23 -8.88 11.37 -8.49
C ILE D 23 -7.89 10.43 -9.16
N PRO D 24 -7.12 9.67 -8.37
CA PRO D 24 -6.14 8.76 -8.94
C PRO D 24 -6.78 7.49 -9.47
N ALA D 25 -6.16 6.89 -10.46
CA ALA D 25 -6.56 5.57 -10.90
C ALA D 25 -6.60 4.66 -9.68
N ASN D 26 -7.59 3.78 -9.63
CA ASN D 26 -7.78 2.86 -8.50
C ASN D 26 -8.34 3.52 -7.24
N GLY D 27 -8.55 4.83 -7.31
CA GLY D 27 -9.15 5.55 -6.20
C GLY D 27 -10.65 5.60 -6.36
N GLY D 28 -11.30 6.55 -5.70
CA GLY D 28 -12.73 6.70 -5.84
C GLY D 28 -13.51 6.63 -4.54
N GLU D 29 -12.96 5.94 -3.54
CA GLU D 29 -13.64 5.81 -2.26
C GLU D 29 -13.87 7.17 -1.63
N VAL D 30 -12.92 8.07 -1.88
CA VAL D 30 -13.13 9.48 -1.57
C VAL D 30 -12.93 10.26 -2.86
N LYS D 31 -13.88 11.14 -3.17
CA LYS D 31 -13.81 11.94 -4.38
C LYS D 31 -13.36 13.35 -4.05
N TYR D 32 -12.22 13.75 -4.60
CA TYR D 32 -11.70 15.10 -4.38
C TYR D 32 -12.14 16.01 -5.51
N GLU D 33 -12.28 17.29 -5.20
CA GLU D 33 -12.54 18.32 -6.20
C GLU D 33 -11.63 19.50 -5.93
N TYR D 34 -10.99 20.03 -6.97
CA TYR D 34 -10.12 21.17 -6.77
C TYR D 34 -10.90 22.47 -6.66
N ASP D 35 -10.65 23.23 -5.59
CA ASP D 35 -11.30 24.51 -5.38
C ASP D 35 -10.36 25.64 -5.77
N LYS D 36 -10.52 26.15 -6.99
CA LYS D 36 -9.69 27.21 -7.52
C LYS D 36 -9.71 28.47 -6.64
N GLU D 37 -10.89 28.85 -6.18
CA GLU D 37 -11.04 30.03 -5.33
C GLU D 37 -10.14 29.96 -4.11
N LEU D 38 -10.23 28.85 -3.38
CA LEU D 38 -9.44 28.67 -2.16
C LEU D 38 -8.04 28.14 -2.45
N GLY D 39 -7.82 27.68 -3.67
CA GLY D 39 -6.54 27.09 -4.04
C GLY D 39 -6.24 25.83 -3.25
N PHE D 40 -7.30 25.09 -2.92
CA PHE D 40 -7.16 23.84 -2.17
C PHE D 40 -7.83 22.68 -2.87
N LEU D 41 -7.22 21.51 -2.78
CA LEU D 41 -7.89 20.27 -3.13
C LEU D 41 -8.87 20.00 -1.99
N THR D 42 -10.12 19.73 -2.33
CA THR D 42 -11.16 19.57 -1.32
C THR D 42 -11.88 18.23 -1.44
N VAL D 43 -12.50 17.80 -0.34
CA VAL D 43 -13.33 16.60 -0.38
C VAL D 43 -14.69 16.95 -0.96
N ASP D 44 -15.09 16.21 -1.99
CA ASP D 44 -16.42 16.35 -2.55
C ASP D 44 -17.38 15.40 -1.84
N ARG D 45 -17.13 14.10 -1.98
CA ARG D 45 -17.99 13.10 -1.38
C ARG D 45 -17.23 11.80 -1.13
N PHE D 46 -17.68 11.03 -0.15
CA PHE D 46 -17.22 9.67 0.02
C PHE D 46 -18.17 8.75 -0.72
N PRO D 48 -19.75 5.31 -1.18
CA PRO D 48 -20.04 4.04 -0.50
C PRO D 48 -20.38 2.94 -1.50
N THR D 49 -19.41 2.59 -2.34
CA THR D 49 -19.63 1.55 -3.35
C THR D 49 -18.33 0.81 -3.59
N SER D 50 -18.42 -0.31 -4.30
CA SER D 50 -17.25 -1.14 -4.55
C SER D 50 -16.54 -0.75 -5.85
N ARG D 52 -14.18 1.39 -8.42
CA ARG D 52 -12.93 2.15 -8.34
C ARG D 52 -12.64 2.75 -9.71
N TYR D 53 -12.15 3.99 -9.74
CA TYR D 53 -11.82 4.62 -11.01
C TYR D 53 -10.84 3.76 -11.81
N PRO D 54 -11.18 3.50 -13.08
CA PRO D 54 -10.34 2.70 -13.97
C PRO D 54 -9.13 3.49 -14.49
N CYS D 55 -9.13 4.80 -14.28
CA CYS D 55 -8.02 5.64 -14.70
C CYS D 55 -8.01 6.92 -13.88
N ASN D 56 -7.00 7.76 -14.09
CA ASN D 56 -6.96 9.04 -13.39
C ASN D 56 -8.05 9.97 -13.90
N TYR D 57 -8.53 10.84 -13.03
CA TYR D 57 -9.64 11.72 -13.37
C TYR D 57 -9.32 13.15 -12.96
N GLY D 58 -9.57 14.09 -13.85
CA GLY D 58 -9.26 15.49 -13.60
C GLY D 58 -10.00 16.43 -14.55
N PHE D 59 -9.53 17.66 -14.64
CA PHE D 59 -10.16 18.65 -15.50
C PHE D 59 -9.11 19.57 -16.13
N VAL D 60 -9.50 20.24 -17.20
CA VAL D 60 -8.61 21.19 -17.87
C VAL D 60 -8.84 22.60 -17.34
N PRO D 61 -7.81 23.21 -16.74
CA PRO D 61 -7.92 24.59 -16.25
C PRO D 61 -8.21 25.56 -17.38
N SER D 62 -8.90 26.65 -17.11
CA SER D 62 -9.20 27.65 -18.13
C SER D 62 -10.16 27.11 -19.19
N THR D 63 -11.05 26.21 -18.80
CA THR D 63 -12.06 25.74 -19.73
C THR D 63 -13.44 25.76 -19.06
N LEU D 64 -14.48 25.77 -19.89
CA LEU D 64 -15.83 25.75 -19.38
C LEU D 64 -16.69 24.87 -20.27
N ALA D 65 -17.17 23.75 -19.72
CA ALA D 65 -18.03 22.85 -20.47
C ALA D 65 -19.49 23.24 -20.25
N GLN D 66 -20.40 22.59 -20.96
CA GLN D 66 -21.82 22.85 -20.81
C GLN D 66 -22.23 22.60 -19.36
N ASP D 67 -21.61 21.60 -18.74
CA ASP D 67 -21.88 21.26 -17.35
C ASP D 67 -21.81 22.49 -16.45
N GLY D 68 -21.00 23.47 -16.84
CA GLY D 68 -20.76 24.64 -16.02
C GLY D 68 -19.43 24.51 -15.30
N ASP D 69 -18.83 23.34 -15.40
CA ASP D 69 -17.51 23.09 -14.83
C ASP D 69 -16.47 23.04 -15.94
N PRO D 70 -15.18 23.09 -15.57
CA PRO D 70 -14.13 22.87 -16.58
C PRO D 70 -14.30 21.51 -17.26
N LEU D 71 -13.77 21.38 -18.47
CA LEU D 71 -13.82 20.13 -19.22
C LEU D 71 -13.22 18.97 -18.42
N ASP D 72 -13.95 17.86 -18.34
CA ASP D 72 -13.48 16.67 -17.62
C ASP D 72 -12.53 15.85 -18.47
N VAL D 73 -11.52 15.27 -17.84
CA VAL D 73 -10.56 14.44 -18.56
C VAL D 73 -10.25 13.14 -17.84
N LEU D 74 -10.24 12.06 -18.62
CA LEU D 74 -9.79 10.76 -18.14
C LEU D 74 -8.37 10.54 -18.65
N VAL D 75 -7.44 10.26 -17.75
CA VAL D 75 -6.04 10.08 -18.13
C VAL D 75 -5.51 8.69 -17.81
N LEU D 76 -5.10 7.98 -18.85
CA LEU D 76 -4.49 6.67 -18.71
C LEU D 76 -2.98 6.81 -18.48
N THR D 77 -2.50 6.19 -17.42
CA THR D 77 -1.08 6.24 -17.09
C THR D 77 -0.61 4.87 -16.58
N PRO D 78 0.70 4.60 -16.68
CA PRO D 78 1.28 3.35 -16.19
C PRO D 78 1.02 3.13 -14.69
N VAL D 79 1.10 4.20 -13.91
CA VAL D 79 0.76 4.14 -12.49
C VAL D 79 -0.08 5.35 -12.09
N PRO D 80 -0.84 5.24 -11.00
CA PRO D 80 -1.70 6.34 -10.57
C PRO D 80 -0.91 7.60 -10.25
N VAL D 81 -1.54 8.75 -10.47
CA VAL D 81 -0.93 10.03 -10.19
C VAL D 81 -1.57 10.65 -8.94
N GLN D 82 -0.75 11.28 -8.10
CA GLN D 82 -1.22 11.88 -6.85
C GLN D 82 -2.23 13.00 -7.10
N PRO D 83 -3.38 12.96 -6.42
CA PRO D 83 -4.39 14.01 -6.57
C PRO D 83 -3.79 15.39 -6.30
N GLY D 84 -4.16 16.37 -7.11
CA GLY D 84 -3.67 17.73 -6.94
C GLY D 84 -2.51 18.04 -7.86
N VAL D 85 -1.96 17.01 -8.46
CA VAL D 85 -0.84 17.17 -9.38
C VAL D 85 -1.31 17.62 -10.76
N LEU D 86 -0.49 18.46 -11.41
CA LEU D 86 -0.77 18.90 -12.78
C LEU D 86 0.09 18.13 -13.78
N ARG D 88 0.79 17.25 -18.30
CA ARG D 88 0.55 17.56 -19.70
C ARG D 88 0.17 16.30 -20.46
N VAL D 89 -0.93 16.38 -21.21
CA VAL D 89 -1.50 15.20 -21.84
C VAL D 89 -1.92 15.47 -23.28
N ARG D 90 -2.26 14.40 -24.00
CA ARG D 90 -2.75 14.49 -25.37
C ARG D 90 -3.99 13.61 -25.54
N ALA D 91 -5.00 14.12 -26.23
CA ALA D 91 -6.27 13.42 -26.36
C ALA D 91 -6.22 12.24 -27.33
N LEU D 92 -6.97 11.18 -27.02
CA LEU D 92 -7.14 10.05 -27.93
C LEU D 92 -8.57 10.01 -28.47
N GLY D 93 -9.51 10.46 -27.65
CA GLY D 93 -10.91 10.50 -28.03
C GLY D 93 -11.75 11.08 -26.91
N ILE D 94 -13.05 10.82 -26.96
CA ILE D 94 -13.97 11.40 -25.99
C ILE D 94 -15.13 10.45 -25.72
N LYS D 96 -18.92 10.10 -24.65
CA LYS D 96 -20.15 10.86 -24.57
C LYS D 96 -21.08 10.21 -23.57
N GLU D 98 -24.48 11.14 -20.37
CA GLU D 98 -25.35 12.08 -19.70
C GLU D 98 -25.66 11.58 -18.30
N ASP D 99 -25.85 12.51 -17.37
CA ASP D 99 -26.24 12.17 -16.01
C ASP D 99 -27.48 12.95 -15.61
N GLU D 100 -27.82 12.91 -14.32
CA GLU D 100 -29.02 13.56 -13.81
C GLU D 100 -29.05 15.06 -14.14
N ALA D 101 -27.86 15.64 -14.35
CA ALA D 101 -27.74 17.07 -14.64
C ALA D 101 -27.88 17.36 -16.13
N GLY D 102 -27.37 16.45 -16.96
CA GLY D 102 -27.42 16.63 -18.40
C GLY D 102 -26.22 16.00 -19.09
N GLU D 103 -25.85 16.53 -20.24
CA GLU D 103 -24.70 16.04 -20.98
C GLU D 103 -23.40 16.41 -20.26
N ASP D 104 -22.44 15.51 -20.31
CA ASP D 104 -21.19 15.72 -19.58
C ASP D 104 -20.12 14.74 -20.06
N SER D 105 -19.58 15.00 -21.24
CA SER D 105 -18.58 14.14 -21.85
C SER D 105 -17.21 14.25 -21.17
N LYS D 106 -16.39 13.22 -21.33
CA LYS D 106 -15.05 13.19 -20.76
C LYS D 106 -14.05 12.88 -21.87
N VAL D 107 -13.03 13.72 -22.00
CA VAL D 107 -11.96 13.46 -22.93
C VAL D 107 -11.10 12.32 -22.39
N LEU D 108 -10.67 11.41 -23.26
CA LEU D 108 -9.71 10.37 -22.88
C LEU D 108 -8.33 10.75 -23.40
N ALA D 109 -7.35 10.79 -22.50
CA ALA D 109 -6.01 11.24 -22.86
C ALA D 109 -4.92 10.36 -22.25
N VAL D 110 -3.71 10.46 -22.81
CA VAL D 110 -2.52 9.86 -22.24
C VAL D 110 -1.48 10.96 -22.07
N PRO D 111 -0.41 10.71 -21.30
CA PRO D 111 0.58 11.77 -21.14
C PRO D 111 1.27 12.05 -22.48
N VAL D 112 1.79 13.26 -22.65
CA VAL D 112 2.55 13.59 -23.85
C VAL D 112 3.74 12.64 -23.96
N VAL D 113 4.26 12.46 -25.17
CA VAL D 113 5.34 11.51 -25.41
C VAL D 113 6.54 11.78 -24.51
N LYS D 114 6.87 13.05 -24.34
CA LYS D 114 8.00 13.44 -23.50
C LYS D 114 7.89 12.89 -22.08
N ALA D 115 6.66 12.63 -21.63
CA ALA D 115 6.45 12.18 -20.26
C ALA D 115 6.20 10.69 -20.14
N CYS D 116 5.84 10.03 -21.24
CA CYS D 116 5.57 8.60 -21.22
C CYS D 116 5.95 7.92 -22.53
N ARG D 117 7.19 7.41 -22.60
CA ARG D 117 7.66 6.72 -23.79
C ARG D 117 6.90 5.41 -24.02
N ALA D 118 6.49 4.77 -22.93
CA ALA D 118 5.79 3.49 -23.01
C ALA D 118 4.49 3.59 -23.81
N TYR D 119 3.86 4.76 -23.79
CA TYR D 119 2.58 4.96 -24.47
C TYR D 119 2.71 5.63 -25.83
N GLU D 120 3.94 5.78 -26.30
CA GLU D 120 4.21 6.49 -27.55
C GLU D 120 3.48 5.86 -28.73
N ALA D 121 3.28 4.55 -28.69
CA ALA D 121 2.63 3.83 -29.78
C ALA D 121 1.12 4.02 -29.77
N ILE D 122 0.59 4.53 -28.66
CA ILE D 122 -0.84 4.79 -28.55
C ILE D 122 -1.16 6.18 -29.10
N GLN D 123 -1.72 6.23 -30.30
CA GLN D 123 -1.92 7.51 -30.97
C GLN D 123 -3.39 7.91 -31.15
N SER D 124 -4.28 6.92 -31.17
CA SER D 124 -5.71 7.21 -31.27
C SER D 124 -6.53 6.21 -30.48
N LEU D 125 -7.83 6.44 -30.44
CA LEU D 125 -8.74 5.60 -29.66
C LEU D 125 -8.65 4.12 -30.06
N LYS D 126 -8.36 3.87 -31.33
CA LYS D 126 -8.29 2.50 -31.84
C LYS D 126 -7.12 1.73 -31.24
N ASP D 127 -6.11 2.45 -30.74
CA ASP D 127 -4.95 1.80 -30.15
C ASP D 127 -5.23 1.36 -28.72
N ILE D 128 -6.45 1.64 -28.26
CA ILE D 128 -6.88 1.19 -26.94
C ILE D 128 -7.77 -0.03 -27.08
N SER D 129 -7.51 -1.04 -26.26
CA SER D 129 -8.33 -2.26 -26.28
C SER D 129 -9.78 -1.95 -25.97
N SER D 130 -10.70 -2.56 -26.72
CA SER D 130 -12.12 -2.38 -26.46
C SER D 130 -12.45 -2.81 -25.03
N LEU D 131 -11.68 -3.76 -24.51
CA LEU D 131 -11.87 -4.24 -23.15
C LEU D 131 -11.70 -3.14 -22.13
N LEU D 132 -10.66 -2.34 -22.30
CA LEU D 132 -10.40 -1.22 -21.40
C LEU D 132 -11.50 -0.16 -21.51
N LEU D 133 -11.89 0.16 -22.75
CA LEU D 133 -12.97 1.11 -22.97
C LEU D 133 -14.27 0.59 -22.36
N ASP D 134 -14.53 -0.70 -22.52
CA ASP D 134 -15.70 -1.31 -21.90
C ASP D 134 -15.68 -1.14 -20.38
N ALA D 135 -14.52 -1.36 -19.76
CA ALA D 135 -14.40 -1.24 -18.31
C ALA D 135 -14.62 0.19 -17.86
N ILE D 136 -14.13 1.14 -18.64
CA ILE D 136 -14.32 2.55 -18.33
C ILE D 136 -15.79 2.94 -18.47
N SER D 137 -16.39 2.59 -19.60
CA SER D 137 -17.82 2.83 -19.80
C SER D 137 -18.63 2.19 -18.68
N HIS D 138 -18.27 0.96 -18.33
CA HIS D 138 -18.98 0.24 -17.29
C HIS D 138 -18.90 0.99 -15.96
N PHE D 139 -17.71 1.47 -15.62
CA PHE D 139 -17.57 2.23 -14.40
C PHE D 139 -18.54 3.41 -14.34
N PHE D 140 -18.57 4.24 -15.39
CA PHE D 140 -19.44 5.41 -15.38
C PHE D 140 -20.93 5.07 -15.49
N GLU D 141 -21.24 3.92 -16.09
CA GLU D 141 -22.62 3.44 -16.14
C GLU D 141 -23.15 3.11 -14.73
N ARG D 142 -22.26 2.60 -13.88
CA ARG D 142 -22.71 1.97 -12.63
C ARG D 142 -22.29 2.67 -11.34
N TYR D 143 -21.31 3.56 -11.41
CA TYR D 143 -20.74 4.12 -10.18
C TYR D 143 -21.71 4.98 -9.37
N LYS D 144 -22.86 5.32 -9.97
CA LYS D 144 -23.89 6.07 -9.25
C LYS D 144 -25.11 5.22 -8.87
N ASP D 145 -25.02 3.91 -9.11
CA ASP D 145 -26.14 3.01 -8.82
C ASP D 145 -26.71 3.20 -7.41
N LEU D 146 -25.83 3.33 -6.42
CA LEU D 146 -26.26 3.38 -5.03
C LEU D 146 -26.47 4.81 -4.51
N GLU D 147 -26.31 5.78 -5.39
CA GLU D 147 -26.49 7.19 -5.01
C GLU D 147 -27.90 7.66 -5.31
N PRO D 148 -28.66 7.99 -4.25
CA PRO D 148 -30.04 8.47 -4.39
C PRO D 148 -30.10 9.63 -5.38
N ASN D 149 -31.05 9.57 -6.31
CA ASN D 149 -31.27 10.64 -7.28
C ASN D 149 -30.16 10.86 -8.30
N LYS D 150 -29.13 10.02 -8.28
CA LYS D 150 -28.05 10.14 -9.25
C LYS D 150 -28.04 8.97 -10.23
N TRP D 151 -27.74 9.27 -11.48
CA TRP D 151 -27.63 8.24 -12.51
C TRP D 151 -26.73 8.72 -13.65
N ALA D 152 -26.33 7.78 -14.52
CA ALA D 152 -25.47 8.10 -15.64
C ALA D 152 -25.65 7.10 -16.77
N LYS D 153 -25.57 7.59 -18.01
CA LYS D 153 -25.68 6.75 -19.18
C LYS D 153 -24.59 7.11 -20.17
N VAL D 154 -23.79 6.13 -20.58
CA VAL D 154 -22.73 6.37 -21.55
C VAL D 154 -23.26 6.13 -22.95
N LYS D 155 -23.29 7.20 -23.75
CA LYS D 155 -23.79 7.10 -25.12
C LYS D 155 -22.80 6.35 -26.02
N GLY D 156 -21.51 6.60 -25.81
CA GLY D 156 -20.48 5.90 -26.55
C GLY D 156 -19.20 6.68 -26.67
N TRP D 157 -18.29 6.20 -27.52
CA TRP D 157 -17.00 6.83 -27.73
C TRP D 157 -16.90 7.45 -29.12
N GLU D 158 -16.23 8.60 -29.20
CA GLU D 158 -15.95 9.22 -30.48
C GLU D 158 -14.45 9.50 -30.60
N ASP D 159 -14.00 9.79 -31.82
CA ASP D 159 -12.57 9.87 -32.10
C ASP D 159 -11.88 11.15 -31.63
N LYS D 160 -10.62 11.28 -31.99
CA LYS D 160 -9.80 12.41 -31.56
C LYS D 160 -10.34 13.76 -32.04
N GLU D 161 -10.84 13.80 -33.27
CA GLU D 161 -11.39 15.04 -33.84
C GLU D 161 -12.58 15.53 -33.03
N ALA D 162 -13.44 14.59 -32.63
CA ALA D 162 -14.55 14.92 -31.74
C ALA D 162 -14.01 15.52 -30.45
N ALA D 163 -12.95 14.91 -29.93
CA ALA D 163 -12.33 15.41 -28.71
C ALA D 163 -11.80 16.83 -28.93
N LYS D 164 -11.12 17.01 -30.06
CA LYS D 164 -10.59 18.32 -30.42
C LYS D 164 -11.68 19.39 -30.43
N LYS D 165 -12.81 19.07 -31.07
CA LYS D 165 -13.89 20.04 -31.19
C LYS D 165 -14.46 20.45 -29.85
N GLU D 166 -14.66 19.48 -28.96
CA GLU D 166 -15.18 19.76 -27.64
C GLU D 166 -14.15 20.55 -26.83
N PHE D 167 -12.88 20.20 -27.00
CA PHE D 167 -11.79 20.92 -26.35
C PHE D 167 -11.75 22.38 -26.81
N GLU D 168 -11.72 22.59 -28.12
CA GLU D 168 -11.71 23.95 -28.68
C GLU D 168 -12.93 24.75 -28.21
N ALA D 169 -14.11 24.15 -28.34
CA ALA D 169 -15.33 24.82 -27.91
C ALA D 169 -15.28 25.14 -26.44
N SER D 170 -14.52 24.35 -25.68
CA SER D 170 -14.39 24.56 -24.25
C SER D 170 -13.52 25.77 -23.95
N ILE D 171 -12.54 26.01 -24.80
CA ILE D 171 -11.68 27.19 -24.67
C ILE D 171 -12.48 28.46 -24.93
N VAL D 172 -13.21 28.48 -26.04
CA VAL D 172 -13.98 29.67 -26.40
C VAL D 172 -15.04 29.99 -25.35
N ARG D 173 -15.65 28.95 -24.78
CA ARG D 173 -16.66 29.15 -23.74
C ARG D 173 -16.06 29.76 -22.49
N PHE D 174 -14.76 29.57 -22.30
CA PHE D 174 -14.03 30.21 -21.22
C PHE D 174 -13.48 31.54 -21.69
N LYS D 175 -13.90 32.63 -21.04
CA LYS D 175 -13.52 33.98 -21.45
C LYS D 175 -14.00 34.28 -22.86
N LEU E 7 8.86 32.63 -3.42
CA LEU E 7 8.50 33.18 -2.12
C LEU E 7 9.18 32.41 -0.99
N VAL E 8 9.64 31.20 -1.28
CA VAL E 8 10.20 30.33 -0.26
C VAL E 8 11.72 30.42 -0.13
N SER E 9 12.18 30.77 1.06
CA SER E 9 13.61 30.88 1.34
C SER E 9 14.33 29.55 1.19
N ALA E 10 15.64 29.63 0.94
CA ALA E 10 16.48 28.43 0.91
C ALA E 10 16.71 27.92 2.33
N GLY E 11 16.47 28.79 3.31
CA GLY E 11 16.65 28.42 4.70
C GLY E 11 17.80 29.18 5.34
N LYS E 12 18.21 28.74 6.53
CA LYS E 12 19.26 29.40 7.28
C LYS E 12 20.66 29.12 6.73
N GLY E 13 20.95 27.85 6.50
CA GLY E 13 22.28 27.45 6.06
C GLY E 13 22.42 25.95 5.93
N ILE E 14 23.65 25.49 5.72
CA ILE E 14 23.90 24.07 5.45
C ILE E 14 23.43 23.14 6.56
N ASP E 15 23.29 23.68 7.78
CA ASP E 15 22.86 22.90 8.93
C ASP E 15 21.35 22.97 9.17
N ASP E 16 20.66 23.79 8.39
CA ASP E 16 19.22 23.95 8.54
C ASP E 16 18.66 24.71 7.34
N PHE E 17 18.35 23.96 6.28
CA PHE E 17 17.83 24.55 5.06
C PHE E 17 16.58 23.86 4.55
N ASN E 18 15.89 24.53 3.63
CA ASN E 18 14.61 24.06 3.12
C ASN E 18 14.72 23.17 1.90
N VAL E 19 13.96 22.08 1.90
CA VAL E 19 13.87 21.22 0.74
C VAL E 19 12.41 20.90 0.46
N ILE E 20 12.02 21.05 -0.80
CA ILE E 20 10.71 20.63 -1.26
C ILE E 20 10.84 19.25 -1.88
N ILE E 21 10.11 18.28 -1.33
CA ILE E 21 10.20 16.91 -1.81
C ILE E 21 9.39 16.74 -3.10
N GLU E 22 10.02 16.12 -4.09
CA GLU E 22 9.37 15.86 -5.37
C GLU E 22 9.12 14.37 -5.57
N ILE E 23 10.01 13.55 -5.05
CA ILE E 23 9.90 12.10 -5.19
C ILE E 23 10.12 11.43 -3.85
N PRO E 24 9.15 10.60 -3.42
CA PRO E 24 9.28 9.93 -2.12
C PRO E 24 10.25 8.75 -2.20
N ALA E 25 10.85 8.40 -1.09
CA ALA E 25 11.66 7.19 -1.02
C ALA E 25 10.80 6.04 -1.54
N ASN E 26 11.42 5.18 -2.34
CA ASN E 26 10.72 4.01 -2.91
C ASN E 26 9.78 4.32 -4.07
N GLY E 27 9.72 5.58 -4.48
CA GLY E 27 8.92 5.97 -5.63
C GLY E 27 9.75 6.09 -6.89
N GLY E 28 9.30 6.90 -7.83
CA GLY E 28 10.05 7.10 -9.05
C GLY E 28 9.37 6.58 -10.30
N GLU E 29 8.49 5.59 -10.11
N GLU E 29 8.50 5.58 -10.13
CA GLU E 29 7.70 5.05 -11.23
CA GLU E 29 7.73 5.08 -11.27
C GLU E 29 7.01 6.22 -11.94
C GLU E 29 7.07 6.26 -11.95
N VAL E 30 6.60 7.21 -11.15
CA VAL E 30 6.17 8.48 -11.67
C VAL E 30 7.08 9.50 -11.03
N LYS E 31 7.69 10.34 -11.85
CA LYS E 31 8.63 11.34 -11.34
C LYS E 31 7.97 12.72 -11.37
N TYR E 32 7.80 13.32 -10.19
CA TYR E 32 7.19 14.64 -10.09
C TYR E 32 8.25 15.74 -10.11
N GLU E 33 7.80 16.96 -10.34
CA GLU E 33 8.68 18.12 -10.36
C GLU E 33 7.83 19.34 -10.04
N TYR E 34 8.27 20.14 -9.07
CA TYR E 34 7.51 21.31 -8.68
C TYR E 34 7.68 22.45 -9.68
N ASP E 35 6.57 23.05 -10.08
CA ASP E 35 6.60 24.19 -10.97
C ASP E 35 6.28 25.46 -10.18
N LYS E 36 7.31 26.24 -9.89
CA LYS E 36 7.16 27.47 -9.12
C LYS E 36 6.24 28.48 -9.81
N GLU E 37 6.31 28.52 -11.14
CA GLU E 37 5.50 29.46 -11.92
C GLU E 37 4.01 29.18 -11.75
N LEU E 38 3.62 27.91 -11.92
CA LEU E 38 2.22 27.51 -11.83
C LEU E 38 1.78 27.36 -10.38
N GLY E 39 2.73 27.04 -9.50
CA GLY E 39 2.42 26.81 -8.09
C GLY E 39 1.83 25.43 -7.92
N PHE E 40 2.27 24.50 -8.75
CA PHE E 40 1.76 23.13 -8.74
C PHE E 40 2.88 22.12 -8.79
N LEU E 41 2.71 21.03 -8.05
CA LEU E 41 3.53 19.85 -8.27
C LEU E 41 3.06 19.30 -9.61
N THR E 42 3.99 18.96 -10.48
CA THR E 42 3.65 18.49 -11.81
C THR E 42 4.30 17.15 -12.13
N VAL E 43 3.76 16.47 -13.14
CA VAL E 43 4.37 15.24 -13.61
C VAL E 43 5.50 15.55 -14.57
N ASP E 44 6.69 15.08 -14.23
CA ASP E 44 7.86 15.22 -15.09
C ASP E 44 7.84 14.11 -16.14
N ARG E 45 7.96 12.87 -15.66
CA ARG E 45 7.88 11.71 -16.55
C ARG E 45 7.60 10.42 -15.79
N PHE E 46 7.15 9.41 -16.53
CA PHE E 46 6.99 8.06 -15.99
C PHE E 46 8.20 7.23 -16.37
N PRO E 48 10.19 4.00 -17.16
CA PRO E 48 9.89 2.66 -17.67
C PRO E 48 10.84 1.63 -17.07
N THR E 49 11.84 2.09 -16.34
CA THR E 49 12.84 1.21 -15.76
C THR E 49 12.39 0.60 -14.45
N SER E 50 13.06 -0.47 -14.03
CA SER E 50 12.75 -1.16 -12.79
C SER E 50 13.36 -0.48 -11.56
N ARG E 52 14.03 2.19 -8.53
CA ARG E 52 13.26 3.07 -7.66
C ARG E 52 14.18 3.95 -6.84
N TYR E 53 13.76 5.18 -6.56
CA TYR E 53 14.58 6.07 -5.75
C TYR E 53 14.87 5.45 -4.38
N PRO E 54 16.15 5.46 -3.98
CA PRO E 54 16.64 4.84 -2.74
C PRO E 54 16.41 5.72 -1.52
N CYS E 55 15.94 6.93 -1.75
CA CYS E 55 15.62 7.85 -0.67
C CYS E 55 14.72 8.96 -1.21
N ASN E 56 14.33 9.90 -0.37
CA ASN E 56 13.52 11.03 -0.85
C ASN E 56 14.37 11.96 -1.70
N TYR E 57 13.72 12.61 -2.67
CA TYR E 57 14.43 13.46 -3.61
C TYR E 57 13.70 14.78 -3.81
N GLY E 58 14.44 15.88 -3.77
CA GLY E 58 13.85 17.20 -3.91
C GLY E 58 14.87 18.27 -4.25
N PHE E 59 14.49 19.52 -4.02
CA PHE E 59 15.36 20.65 -4.35
C PHE E 59 15.26 21.72 -3.28
N VAL E 60 16.26 22.59 -3.24
CA VAL E 60 16.24 23.75 -2.35
C VAL E 60 15.69 24.94 -3.09
N PRO E 61 14.55 25.48 -2.60
CA PRO E 61 13.97 26.67 -3.22
C PRO E 61 14.91 27.85 -3.11
N SER E 62 14.91 28.72 -4.11
CA SER E 62 15.77 29.91 -4.12
C SER E 62 17.25 29.58 -4.27
N THR E 63 17.56 28.55 -5.06
CA THR E 63 18.94 28.23 -5.37
C THR E 63 19.09 27.99 -6.87
N LEU E 64 20.32 27.99 -7.34
CA LEU E 64 20.59 27.78 -8.75
C LEU E 64 21.93 27.07 -8.89
N ALA E 65 21.89 25.81 -9.34
CA ALA E 65 23.10 25.05 -9.57
C ALA E 65 23.72 25.40 -10.92
N GLN E 66 24.92 24.92 -11.17
CA GLN E 66 25.59 25.14 -12.46
C GLN E 66 24.77 24.52 -13.58
N ASP E 67 23.86 23.62 -13.20
CA ASP E 67 22.98 22.94 -14.14
C ASP E 67 21.93 23.87 -14.70
N GLY E 68 21.78 25.04 -14.11
CA GLY E 68 20.71 25.95 -14.47
C GLY E 68 19.42 25.59 -13.74
N ASP E 69 19.47 24.52 -12.93
CA ASP E 69 18.32 24.10 -12.14
C ASP E 69 18.65 24.20 -10.65
N PRO E 70 17.61 24.38 -9.81
CA PRO E 70 17.82 24.45 -8.35
C PRO E 70 18.64 23.27 -7.83
N LEU E 71 19.34 23.49 -6.72
CA LEU E 71 20.19 22.46 -6.13
C LEU E 71 19.40 21.18 -5.80
N ASP E 72 19.91 20.03 -6.25
CA ASP E 72 19.29 18.73 -5.98
C ASP E 72 19.66 18.23 -4.60
N VAL E 73 18.71 17.60 -3.92
CA VAL E 73 18.95 17.10 -2.57
C VAL E 73 18.32 15.72 -2.35
N LEU E 74 19.14 14.80 -1.85
CA LEU E 74 18.67 13.48 -1.44
C LEU E 74 18.45 13.53 0.07
N VAL E 75 17.27 13.16 0.53
CA VAL E 75 16.97 13.23 1.96
C VAL E 75 16.66 11.85 2.52
N LEU E 76 17.50 11.40 3.43
CA LEU E 76 17.27 10.17 4.17
C LEU E 76 16.29 10.43 5.31
N THR E 77 15.28 9.59 5.41
CA THR E 77 14.26 9.72 6.46
C THR E 77 13.82 8.34 6.93
N PRO E 78 13.30 8.25 8.17
CA PRO E 78 12.77 7.00 8.73
C PRO E 78 11.68 6.39 7.84
N VAL E 79 10.81 7.23 7.29
CA VAL E 79 9.78 6.79 6.36
C VAL E 79 9.62 7.83 5.23
N PRO E 80 9.07 7.41 4.08
CA PRO E 80 8.92 8.32 2.94
C PRO E 80 8.05 9.54 3.25
N VAL E 81 8.39 10.67 2.63
CA VAL E 81 7.63 11.91 2.78
C VAL E 81 6.79 12.15 1.53
N GLN E 82 5.57 12.65 1.72
CA GLN E 82 4.68 12.97 0.61
C GLN E 82 5.26 14.04 -0.32
N PRO E 83 5.23 13.79 -1.64
CA PRO E 83 5.69 14.77 -2.61
C PRO E 83 4.93 16.09 -2.47
N GLY E 84 5.62 17.22 -2.61
CA GLY E 84 4.99 18.52 -2.49
C GLY E 84 5.16 19.10 -1.11
N VAL E 85 5.73 18.30 -0.21
CA VAL E 85 5.91 18.71 1.18
C VAL E 85 7.28 19.39 1.37
N LEU E 86 7.31 20.38 2.27
CA LEU E 86 8.54 21.09 2.58
C LEU E 86 9.12 20.61 3.91
N ARG E 88 12.69 20.72 6.76
CA ARG E 88 13.94 21.30 7.21
C ARG E 88 14.98 20.19 7.35
N VAL E 89 16.13 20.37 6.72
CA VAL E 89 17.15 19.33 6.69
C VAL E 89 18.55 19.88 6.99
N ARG E 90 19.51 18.98 7.16
CA ARG E 90 20.91 19.34 7.33
C ARG E 90 21.78 18.40 6.50
N ALA E 91 22.82 18.94 5.89
CA ALA E 91 23.64 18.17 4.95
C ALA E 91 24.67 17.29 5.65
N LEU E 92 24.93 16.13 5.07
CA LEU E 92 25.96 15.21 5.56
C LEU E 92 27.11 15.17 4.57
N GLY E 93 26.81 15.50 3.32
CA GLY E 93 27.81 15.49 2.28
C GLY E 93 27.21 15.70 0.92
N ILE E 94 27.92 15.29 -0.12
CA ILE E 94 27.48 15.52 -1.48
C ILE E 94 28.00 14.44 -2.41
N LYS E 96 29.08 13.39 -6.13
CA LYS E 96 29.53 13.97 -7.38
C LYS E 96 29.33 13.00 -8.54
N GLU E 98 28.36 12.74 -13.22
CA GLU E 98 28.35 13.34 -14.55
C GLU E 98 27.38 12.60 -15.45
N ASP E 99 26.58 13.34 -16.21
CA ASP E 99 25.71 12.74 -17.20
C ASP E 99 25.97 13.38 -18.56
N GLU E 100 25.07 13.12 -19.53
CA GLU E 100 25.23 13.64 -20.88
C GLU E 100 25.26 15.17 -20.88
N ALA E 101 24.59 15.77 -19.92
CA ALA E 101 24.52 17.23 -19.82
C ALA E 101 25.71 17.80 -19.05
N GLY E 102 26.64 16.92 -18.68
CA GLY E 102 27.83 17.35 -17.96
C GLY E 102 27.80 17.02 -16.48
N GLU E 103 28.59 17.75 -15.70
CA GLU E 103 28.69 17.51 -14.26
C GLU E 103 27.37 17.77 -13.54
N ASP E 104 27.16 17.06 -12.45
CA ASP E 104 26.04 17.32 -11.57
C ASP E 104 26.36 16.78 -10.18
N SER E 105 25.71 17.33 -9.18
CA SER E 105 25.96 16.92 -7.80
C SER E 105 24.67 16.87 -7.00
N LYS E 106 24.58 15.92 -6.09
CA LYS E 106 23.43 15.79 -5.22
C LYS E 106 23.85 15.86 -3.75
N VAL E 107 23.38 16.89 -3.05
CA VAL E 107 23.60 16.99 -1.61
C VAL E 107 22.84 15.88 -0.91
N LEU E 108 23.51 15.20 0.02
CA LEU E 108 22.85 14.20 0.86
C LEU E 108 22.53 14.80 2.23
N ALA E 109 21.25 14.76 2.62
CA ALA E 109 20.82 15.38 3.86
C ALA E 109 19.94 14.47 4.70
N VAL E 110 19.75 14.86 5.96
CA VAL E 110 18.77 14.21 6.84
C VAL E 110 17.98 15.32 7.53
N PRO E 111 16.85 14.96 8.16
CA PRO E 111 16.06 15.99 8.84
C PRO E 111 16.84 16.65 9.97
N VAL E 112 16.53 17.90 10.29
CA VAL E 112 17.17 18.56 11.43
C VAL E 112 16.84 17.78 12.70
N VAL E 113 17.69 17.88 13.71
CA VAL E 113 17.53 17.08 14.92
C VAL E 113 16.13 17.22 15.53
N LYS E 114 15.61 18.44 15.54
CA LYS E 114 14.27 18.71 16.06
C LYS E 114 13.20 17.84 15.39
N ALA E 115 13.41 17.56 14.10
CA ALA E 115 12.44 16.81 13.32
C ALA E 115 12.64 15.32 13.47
N CYS E 116 13.88 14.91 13.67
CA CYS E 116 14.19 13.48 13.75
C CYS E 116 15.29 13.19 14.77
N ARG E 117 14.90 13.11 16.03
CA ARG E 117 15.83 12.80 17.11
C ARG E 117 16.56 11.48 16.85
N ALA E 118 15.89 10.54 16.19
CA ALA E 118 16.47 9.22 15.94
C ALA E 118 17.76 9.28 15.11
N TYR E 119 17.92 10.35 14.34
CA TYR E 119 19.08 10.50 13.46
C TYR E 119 20.16 11.43 14.02
N GLU E 120 20.00 11.85 15.27
CA GLU E 120 20.94 12.81 15.87
C GLU E 120 22.40 12.38 15.78
N ALA E 121 22.65 11.08 15.91
CA ALA E 121 24.02 10.58 15.91
C ALA E 121 24.65 10.57 14.52
N ILE E 122 23.81 10.73 13.49
CA ILE E 122 24.30 10.78 12.12
C ILE E 122 24.76 12.19 11.77
N GLN E 123 26.07 12.38 11.72
CA GLN E 123 26.64 13.72 11.55
C GLN E 123 27.47 13.87 10.27
N SER E 124 27.80 12.77 9.63
CA SER E 124 28.59 12.80 8.40
C SER E 124 28.41 11.51 7.60
N LEU E 125 28.92 11.49 6.37
CA LEU E 125 28.82 10.33 5.50
C LEU E 125 29.36 9.07 6.18
N LYS E 126 30.38 9.23 7.01
CA LYS E 126 30.96 8.13 7.76
C LYS E 126 29.91 7.37 8.55
N ASP E 127 28.85 8.08 8.96
CA ASP E 127 27.82 7.51 9.82
C ASP E 127 26.72 6.81 9.04
N ILE E 128 26.81 6.84 7.72
CA ILE E 128 25.82 6.17 6.87
C ILE E 128 26.34 4.80 6.45
N SER E 129 25.45 3.82 6.41
CA SER E 129 25.82 2.48 5.96
C SER E 129 26.50 2.53 4.58
N SER E 130 27.70 1.99 4.50
CA SER E 130 28.42 1.97 3.24
C SER E 130 27.56 1.31 2.16
N LEU E 131 26.71 0.39 2.57
CA LEU E 131 25.85 -0.33 1.63
C LEU E 131 24.71 0.56 1.14
N LEU E 132 24.26 1.47 1.99
CA LEU E 132 23.26 2.45 1.59
C LEU E 132 23.85 3.45 0.60
N LEU E 133 25.04 3.96 0.89
CA LEU E 133 25.70 4.88 -0.04
C LEU E 133 25.92 4.21 -1.39
N ASP E 134 26.29 2.93 -1.36
CA ASP E 134 26.50 2.16 -2.58
C ASP E 134 25.21 2.02 -3.38
N ALA E 135 24.10 1.81 -2.69
CA ALA E 135 22.81 1.66 -3.36
C ALA E 135 22.36 2.96 -4.00
N ILE E 136 22.67 4.08 -3.35
CA ILE E 136 22.34 5.39 -3.90
C ILE E 136 23.17 5.63 -5.16
N SER E 137 24.46 5.38 -5.07
CA SER E 137 25.36 5.50 -6.22
C SER E 137 24.90 4.64 -7.39
N HIS E 138 24.58 3.38 -7.10
CA HIS E 138 24.11 2.44 -8.11
C HIS E 138 22.86 2.94 -8.82
N PHE E 139 21.93 3.50 -8.06
CA PHE E 139 20.70 4.01 -8.66
C PHE E 139 20.98 5.07 -9.72
N PHE E 140 21.83 6.04 -9.40
CA PHE E 140 22.11 7.12 -10.34
C PHE E 140 23.03 6.67 -11.47
N GLU E 141 23.83 5.65 -11.20
CA GLU E 141 24.66 5.03 -12.23
C GLU E 141 23.79 4.33 -13.28
N ARG E 142 22.60 3.90 -12.88
CA ARG E 142 21.83 2.94 -13.67
C ARG E 142 20.45 3.40 -14.15
N TYR E 143 19.91 4.47 -13.58
CA TYR E 143 18.52 4.81 -13.86
C TYR E 143 18.28 5.42 -15.25
N LYS E 144 19.36 5.67 -15.98
CA LYS E 144 19.26 6.20 -17.35
C LYS E 144 19.66 5.16 -18.39
N ASP E 145 19.80 3.90 -17.98
CA ASP E 145 20.29 2.86 -18.88
C ASP E 145 19.40 2.65 -20.10
N LEU E 146 18.09 2.84 -19.93
CA LEU E 146 17.14 2.56 -21.00
C LEU E 146 16.68 3.83 -21.74
N GLU E 147 17.22 4.98 -21.35
CA GLU E 147 16.86 6.23 -22.00
C GLU E 147 17.85 6.57 -23.10
N PRO E 148 17.35 6.74 -24.33
CA PRO E 148 18.18 7.06 -25.49
C PRO E 148 18.89 8.41 -25.34
N ASN E 149 20.16 8.45 -25.73
CA ASN E 149 20.94 9.68 -25.70
C ASN E 149 21.13 10.25 -24.30
N LYS E 150 21.06 9.38 -23.30
CA LYS E 150 21.31 9.79 -21.92
C LYS E 150 22.16 8.73 -21.22
N TRP E 151 22.90 9.15 -20.21
CA TRP E 151 23.78 8.26 -19.46
C TRP E 151 24.28 8.97 -18.22
N ALA E 152 24.78 8.21 -17.25
CA ALA E 152 25.26 8.79 -16.01
C ALA E 152 26.43 8.01 -15.42
N LYS E 153 27.28 8.71 -14.66
CA LYS E 153 28.42 8.09 -14.00
C LYS E 153 28.73 8.81 -12.69
N VAL E 154 28.75 8.06 -11.60
CA VAL E 154 29.06 8.62 -10.28
C VAL E 154 30.57 8.63 -10.05
N LYS E 155 31.09 9.81 -9.70
CA LYS E 155 32.52 9.97 -9.44
C LYS E 155 32.89 9.54 -8.03
N GLY E 156 32.10 9.98 -7.05
CA GLY E 156 32.34 9.63 -5.66
C GLY E 156 31.61 10.54 -4.70
N TRP E 157 31.86 10.35 -3.41
CA TRP E 157 31.22 11.15 -2.37
C TRP E 157 32.20 12.14 -1.76
N GLU E 158 31.71 13.31 -1.39
CA GLU E 158 32.54 14.30 -0.71
C GLU E 158 31.87 14.79 0.57
N ASP E 159 32.68 15.32 1.48
CA ASP E 159 32.21 15.64 2.84
C ASP E 159 31.28 16.85 2.92
N LYS E 160 30.90 17.19 4.15
CA LYS E 160 29.96 18.26 4.43
C LYS E 160 30.46 19.62 3.95
N GLU E 161 31.76 19.84 4.05
CA GLU E 161 32.33 21.11 3.62
C GLU E 161 32.16 21.34 2.12
N ALA E 162 32.35 20.28 1.33
CA ALA E 162 32.11 20.36 -0.10
C ALA E 162 30.63 20.65 -0.38
N ALA E 163 29.75 20.00 0.36
CA ALA E 163 28.33 20.25 0.24
C ALA E 163 28.02 21.71 0.58
N LYS E 164 28.66 22.22 1.62
CA LYS E 164 28.48 23.60 2.05
C LYS E 164 28.85 24.57 0.94
N LYS E 165 29.98 24.32 0.27
CA LYS E 165 30.44 25.19 -0.81
C LYS E 165 29.46 25.26 -1.97
N GLU E 166 28.96 24.11 -2.41
CA GLU E 166 28.00 24.07 -3.51
C GLU E 166 26.69 24.75 -3.11
N PHE E 167 26.24 24.48 -1.89
CA PHE E 167 25.04 25.10 -1.34
C PHE E 167 25.15 26.62 -1.37
N GLU E 168 26.23 27.16 -0.78
CA GLU E 168 26.44 28.60 -0.72
C GLU E 168 26.49 29.21 -2.11
N ALA E 169 27.22 28.57 -3.01
CA ALA E 169 27.38 29.06 -4.37
C ALA E 169 26.06 29.09 -5.12
N SER E 170 25.22 28.07 -4.90
N SER E 170 25.23 28.07 -4.90
CA SER E 170 23.94 28.01 -5.58
CA SER E 170 23.93 27.99 -5.57
C SER E 170 23.01 29.11 -5.11
C SER E 170 23.02 29.12 -5.11
N ILE E 171 23.16 29.52 -3.86
CA ILE E 171 22.37 30.63 -3.33
C ILE E 171 22.82 31.93 -3.98
N VAL E 172 24.12 32.08 -4.16
CA VAL E 172 24.68 33.22 -4.87
C VAL E 172 24.15 33.32 -6.29
N ARG E 173 24.26 32.23 -7.05
CA ARG E 173 23.78 32.22 -8.44
C ARG E 173 22.33 32.67 -8.51
N PHE E 174 21.50 32.14 -7.61
CA PHE E 174 20.09 32.53 -7.57
C PHE E 174 19.95 34.03 -7.33
N LYS E 175 20.67 34.53 -6.34
CA LYS E 175 20.63 35.96 -6.00
C LYS E 175 20.92 36.83 -7.21
N GLU E 176 21.81 36.36 -8.07
CA GLU E 176 22.25 37.12 -9.22
C GLU E 176 21.40 36.84 -10.45
N LYS E 177 20.11 36.60 -10.23
CA LYS E 177 19.18 36.32 -11.31
C LYS E 177 17.80 36.93 -11.02
N LEU F 7 -7.84 34.54 3.43
CA LEU F 7 -7.41 33.16 3.54
C LEU F 7 -8.58 32.20 3.39
N VAL F 8 -8.84 31.44 4.45
CA VAL F 8 -9.92 30.46 4.44
C VAL F 8 -10.77 30.60 5.70
N SER F 9 -12.08 30.76 5.52
CA SER F 9 -12.99 30.91 6.65
C SER F 9 -13.11 29.62 7.44
N ALA F 10 -13.64 29.73 8.66
CA ALA F 10 -13.80 28.57 9.53
C ALA F 10 -15.04 27.75 9.16
N GLY F 11 -15.91 28.34 8.34
CA GLY F 11 -17.17 27.72 7.99
C GLY F 11 -18.32 28.51 8.60
N LYS F 12 -19.50 27.91 8.65
CA LYS F 12 -20.67 28.61 9.19
C LYS F 12 -20.99 28.29 10.65
N GLY F 13 -20.96 27.01 11.02
CA GLY F 13 -21.28 26.64 12.38
C GLY F 13 -20.63 25.36 12.86
N ILE F 14 -20.90 24.99 14.11
CA ILE F 14 -20.39 23.75 14.67
C ILE F 14 -20.95 22.55 13.91
N ASP F 15 -22.03 22.78 13.18
CA ASP F 15 -22.68 21.73 12.40
C ASP F 15 -22.21 21.72 10.95
N ASP F 16 -21.30 22.63 10.62
CA ASP F 16 -20.85 22.78 9.24
C ASP F 16 -19.66 23.73 9.15
N PHE F 17 -18.46 23.20 9.35
CA PHE F 17 -17.26 24.04 9.36
C PHE F 17 -16.08 23.44 8.59
N ASN F 18 -15.11 24.28 8.24
CA ASN F 18 -13.97 23.87 7.45
C ASN F 18 -12.84 23.26 8.28
N VAL F 19 -12.22 22.22 7.73
CA VAL F 19 -11.04 21.63 8.35
C VAL F 19 -10.00 21.33 7.28
N ILE F 20 -8.76 21.68 7.57
CA ILE F 20 -7.65 21.31 6.71
C ILE F 20 -6.92 20.12 7.33
N ILE F 21 -6.89 19.00 6.61
CA ILE F 21 -6.29 17.76 7.11
C ILE F 21 -4.77 17.81 7.05
N GLU F 22 -4.13 17.51 8.17
CA GLU F 22 -2.68 17.49 8.24
C GLU F 22 -2.12 16.07 8.31
N ILE F 23 -2.79 15.19 9.04
CA ILE F 23 -2.37 13.80 9.16
C ILE F 23 -3.55 12.88 8.84
N PRO F 24 -3.31 11.89 7.97
CA PRO F 24 -4.38 10.97 7.59
C PRO F 24 -4.59 9.86 8.62
N ALA F 25 -5.81 9.37 8.74
CA ALA F 25 -6.07 8.21 9.57
C ALA F 25 -5.09 7.10 9.21
N ASN F 26 -4.50 6.48 10.22
CA ASN F 26 -3.48 5.43 10.02
C ASN F 26 -2.11 5.97 9.65
N GLY F 27 -1.97 7.28 9.59
CA GLY F 27 -0.68 7.90 9.34
C GLY F 27 -0.03 8.24 10.67
N GLY F 28 0.90 9.19 10.66
CA GLY F 28 1.50 9.65 11.90
C GLY F 28 3.00 9.44 11.99
N GLU F 29 3.49 8.39 11.35
CA GLU F 29 4.93 8.12 11.34
C GLU F 29 5.70 9.39 10.97
N VAL F 30 5.14 10.15 10.02
CA VAL F 30 5.57 11.52 9.78
C VAL F 30 4.43 12.43 10.20
N LYS F 31 4.72 13.38 11.08
CA LYS F 31 3.71 14.37 11.44
C LYS F 31 3.85 15.62 10.58
N TYR F 32 2.85 15.89 9.76
CA TYR F 32 2.84 17.09 8.94
C TYR F 32 2.11 18.24 9.65
N GLU F 33 2.50 19.47 9.34
CA GLU F 33 1.80 20.66 9.77
C GLU F 33 1.69 21.62 8.61
N TYR F 34 0.54 22.25 8.44
CA TYR F 34 0.36 23.20 7.35
C TYR F 34 0.91 24.58 7.73
N ASP F 35 1.88 25.05 6.95
CA ASP F 35 2.44 26.38 7.15
C ASP F 35 1.67 27.40 6.33
N LYS F 36 0.94 28.27 7.02
CA LYS F 36 0.10 29.26 6.34
C LYS F 36 0.92 30.34 5.66
N GLU F 37 2.02 30.75 6.30
CA GLU F 37 2.89 31.78 5.75
C GLU F 37 3.54 31.35 4.44
N LEU F 38 3.88 30.07 4.33
CA LEU F 38 4.54 29.57 3.13
C LEU F 38 3.57 28.96 2.13
N GLY F 39 2.37 28.60 2.61
CA GLY F 39 1.40 27.95 1.77
C GLY F 39 1.82 26.54 1.42
N PHE F 40 2.54 25.89 2.34
CA PHE F 40 3.02 24.54 2.13
C PHE F 40 2.68 23.64 3.31
N LEU F 41 2.40 22.38 3.03
CA LEU F 41 2.38 21.34 4.05
C LEU F 41 3.84 21.05 4.40
N THR F 42 4.16 21.00 5.69
CA THR F 42 5.54 20.81 6.11
C THR F 42 5.69 19.61 7.03
N VAL F 43 6.89 19.06 7.10
CA VAL F 43 7.17 18.03 8.09
C VAL F 43 7.37 18.70 9.44
N ASP F 44 6.62 18.25 10.44
CA ASP F 44 6.80 18.73 11.80
C ASP F 44 7.89 17.89 12.45
N ARG F 45 7.63 16.59 12.59
CA ARG F 45 8.62 15.67 13.11
C ARG F 45 8.26 14.24 12.77
N PHE F 46 9.24 13.35 12.87
CA PHE F 46 9.01 11.93 12.70
C PHE F 46 8.78 11.28 14.06
N PRO F 48 8.81 8.59 16.83
CA PRO F 48 9.69 7.46 17.16
C PRO F 48 8.89 6.25 17.63
N THR F 49 7.65 6.48 18.08
CA THR F 49 6.82 5.41 18.60
C THR F 49 6.16 4.61 17.48
N SER F 50 5.89 3.34 17.74
CA SER F 50 5.28 2.46 16.75
C SER F 50 3.75 2.54 16.83
N ARG F 52 -0.08 4.69 15.20
CA ARG F 52 -0.72 5.35 14.07
C ARG F 52 -1.95 6.12 14.53
N TYR F 53 -2.20 7.26 13.90
CA TYR F 53 -3.42 8.02 14.20
C TYR F 53 -4.65 7.18 13.94
N PRO F 54 -5.57 7.15 14.92
CA PRO F 54 -6.81 6.39 14.83
C PRO F 54 -7.88 7.10 14.01
N CYS F 55 -7.56 8.28 13.49
CA CYS F 55 -8.48 9.04 12.65
C CYS F 55 -7.70 10.17 11.98
N ASN F 56 -8.32 10.87 11.04
CA ASN F 56 -7.66 12.01 10.42
C ASN F 56 -7.51 13.15 11.41
N TYR F 57 -6.44 13.91 11.27
CA TYR F 57 -6.14 14.99 12.19
C TYR F 57 -5.92 16.29 11.42
N GLY F 58 -6.49 17.38 11.90
CA GLY F 58 -6.37 18.66 11.21
C GLY F 58 -6.71 19.84 12.10
N PHE F 59 -7.00 20.98 11.47
CA PHE F 59 -7.31 22.19 12.21
C PHE F 59 -8.37 23.03 11.49
N VAL F 60 -9.00 23.94 12.22
CA VAL F 60 -9.98 24.84 11.64
C VAL F 60 -9.32 26.15 11.25
N PRO F 61 -9.37 26.49 9.96
CA PRO F 61 -8.80 27.75 9.48
C PRO F 61 -9.46 28.94 10.15
N SER F 62 -8.70 30.01 10.38
CA SER F 62 -9.24 31.24 10.97
C SER F 62 -9.80 31.03 12.37
N THR F 63 -9.15 30.19 13.16
CA THR F 63 -9.44 30.04 14.57
C THR F 63 -8.15 30.15 15.36
N LEU F 64 -8.28 30.30 16.68
CA LEU F 64 -7.11 30.42 17.55
C LEU F 64 -7.38 29.79 18.91
N ALA F 65 -6.78 28.64 19.15
CA ALA F 65 -6.91 27.94 20.42
C ALA F 65 -5.98 28.54 21.46
N GLN F 66 -6.04 28.01 22.68
CA GLN F 66 -5.24 28.55 23.78
C GLN F 66 -3.74 28.32 23.61
N ASP F 67 -3.37 27.32 22.82
CA ASP F 67 -1.97 26.95 22.67
C ASP F 67 -1.25 27.78 21.62
N GLY F 68 -1.99 28.66 20.95
CA GLY F 68 -1.41 29.54 19.94
C GLY F 68 -1.65 29.07 18.52
N ASP F 69 -2.21 27.87 18.38
CA ASP F 69 -2.54 27.32 17.06
C ASP F 69 -4.05 27.29 16.87
N PRO F 70 -4.50 27.13 15.61
CA PRO F 70 -5.93 26.97 15.31
C PRO F 70 -6.52 25.76 16.02
N LEU F 71 -7.83 25.74 16.21
CA LEU F 71 -8.52 24.65 16.89
C LEU F 71 -8.23 23.28 16.24
N ASP F 72 -7.78 22.33 17.05
CA ASP F 72 -7.50 20.97 16.57
C ASP F 72 -8.79 20.21 16.28
N VAL F 73 -8.76 19.34 15.29
CA VAL F 73 -9.93 18.58 14.91
C VAL F 73 -9.58 17.13 14.57
N LEU F 74 -10.33 16.21 15.15
CA LEU F 74 -10.24 14.80 14.77
C LEU F 74 -11.41 14.48 13.86
N VAL F 75 -11.12 13.92 12.69
CA VAL F 75 -12.15 13.65 11.70
C VAL F 75 -12.24 12.17 11.38
N LEU F 76 -13.40 11.58 11.64
CA LEU F 76 -13.63 10.18 11.32
C LEU F 76 -14.23 10.06 9.93
N THR F 77 -13.59 9.26 9.09
CA THR F 77 -14.06 9.06 7.71
C THR F 77 -13.99 7.59 7.34
N PRO F 78 -14.78 7.17 6.34
CA PRO F 78 -14.76 5.80 5.83
C PRO F 78 -13.38 5.38 5.32
N VAL F 79 -12.66 6.32 4.70
CA VAL F 79 -11.29 6.07 4.29
C VAL F 79 -10.44 7.29 4.60
N PRO F 80 -9.11 7.09 4.74
CA PRO F 80 -8.20 8.19 5.04
C PRO F 80 -8.25 9.29 3.98
N VAL F 81 -8.05 10.52 4.42
CA VAL F 81 -8.04 11.66 3.52
C VAL F 81 -6.60 12.15 3.33
N GLN F 82 -6.25 12.48 2.10
CA GLN F 82 -4.90 12.95 1.80
C GLN F 82 -4.56 14.23 2.55
N PRO F 83 -3.35 14.29 3.13
CA PRO F 83 -2.89 15.46 3.88
C PRO F 83 -2.87 16.70 2.99
N GLY F 84 -3.34 17.83 3.50
CA GLY F 84 -3.34 19.07 2.73
C GLY F 84 -4.70 19.37 2.15
N VAL F 85 -5.61 18.41 2.25
CA VAL F 85 -6.96 18.55 1.72
C VAL F 85 -7.89 19.27 2.70
N LEU F 86 -8.78 20.08 2.14
CA LEU F 86 -9.78 20.81 2.93
C LEU F 86 -11.13 20.10 2.82
N ARG F 88 -15.40 19.64 4.64
CA ARG F 88 -16.52 20.26 5.37
C ARG F 88 -17.06 19.25 6.37
N VAL F 89 -17.07 19.61 7.65
CA VAL F 89 -17.44 18.67 8.70
C VAL F 89 -18.45 19.21 9.69
N ARG F 90 -18.93 18.32 10.55
CA ARG F 90 -19.88 18.66 11.62
C ARG F 90 -19.44 17.94 12.88
N ALA F 91 -19.50 18.62 14.02
CA ALA F 91 -18.94 18.08 15.27
C ALA F 91 -19.90 17.15 16.01
N LEU F 92 -19.35 16.13 16.66
CA LEU F 92 -20.14 15.21 17.49
C LEU F 92 -19.88 15.44 18.97
N GLY F 93 -18.70 15.99 19.26
CA GLY F 93 -18.28 16.22 20.63
C GLY F 93 -16.86 16.73 20.66
N ILE F 94 -16.23 16.65 21.83
CA ILE F 94 -14.88 17.15 21.98
C ILE F 94 -14.11 16.34 23.00
N LYS F 96 -11.56 16.49 25.72
CA LYS F 96 -10.89 17.41 26.63
C LYS F 96 -9.54 16.87 27.05
N GLU F 98 -5.12 18.06 28.16
CA GLU F 98 -4.05 19.00 28.43
C GLU F 98 -2.73 18.35 28.10
N ASP F 99 -1.78 19.13 27.59
CA ASP F 99 -0.43 18.62 27.37
C ASP F 99 0.61 19.55 28.00
N GLU F 100 1.88 19.34 27.64
CA GLU F 100 2.97 20.09 28.26
C GLU F 100 2.82 21.60 28.04
N ALA F 101 2.00 21.99 27.08
CA ALA F 101 1.81 23.39 26.74
C ALA F 101 0.45 23.94 27.20
N GLY F 102 -0.31 23.13 27.92
CA GLY F 102 -1.57 23.56 28.49
C GLY F 102 -2.78 22.87 27.89
N GLU F 103 -3.93 23.49 28.03
CA GLU F 103 -5.17 22.92 27.50
C GLU F 103 -5.13 22.92 25.98
N ASP F 104 -5.32 21.75 25.37
CA ASP F 104 -5.30 21.62 23.92
C ASP F 104 -6.34 20.60 23.47
N SER F 105 -7.60 20.87 23.79
CA SER F 105 -8.70 19.97 23.46
C SER F 105 -8.91 19.85 21.95
N LYS F 106 -9.57 18.79 21.54
CA LYS F 106 -9.74 18.49 20.13
C LYS F 106 -11.17 18.10 19.82
N VAL F 107 -11.76 18.78 18.84
CA VAL F 107 -13.13 18.50 18.44
C VAL F 107 -13.20 17.22 17.63
N LEU F 108 -14.19 16.39 17.92
CA LEU F 108 -14.41 15.18 17.14
C LEU F 108 -15.49 15.46 16.11
N ALA F 109 -15.17 15.24 14.84
CA ALA F 109 -16.10 15.56 13.77
C ALA F 109 -16.20 14.46 12.74
N VAL F 110 -17.23 14.55 11.92
CA VAL F 110 -17.43 13.67 10.77
C VAL F 110 -17.82 14.56 9.58
N PRO F 111 -17.73 14.02 8.36
CA PRO F 111 -18.09 14.83 7.19
C PRO F 111 -19.56 15.22 7.21
N VAL F 112 -19.88 16.40 6.68
CA VAL F 112 -21.27 16.83 6.56
C VAL F 112 -22.05 15.79 5.77
N VAL F 113 -23.35 15.69 6.04
CA VAL F 113 -24.17 14.68 5.37
C VAL F 113 -24.00 14.68 3.85
N LYS F 114 -23.97 15.87 3.25
CA LYS F 114 -23.80 15.98 1.80
C LYS F 114 -22.61 15.19 1.30
N ALA F 115 -21.56 15.12 2.12
CA ALA F 115 -20.30 14.51 1.72
C ALA F 115 -20.17 13.04 2.13
N CYS F 116 -20.97 12.60 3.10
CA CYS F 116 -20.88 11.23 3.57
C CYS F 116 -22.22 10.68 4.02
N ARG F 117 -22.94 10.05 3.10
CA ARG F 117 -24.25 9.48 3.39
C ARG F 117 -24.14 8.32 4.37
N ALA F 118 -23.01 7.61 4.30
CA ALA F 118 -22.77 6.47 5.17
C ALA F 118 -22.79 6.83 6.66
N TYR F 119 -22.46 8.08 6.97
CA TYR F 119 -22.42 8.51 8.37
C TYR F 119 -23.62 9.37 8.76
N GLU F 120 -24.67 9.29 7.95
CA GLU F 120 -25.89 10.06 8.19
C GLU F 120 -26.49 9.74 9.56
N ALA F 121 -26.42 8.47 9.96
CA ALA F 121 -27.02 8.03 11.22
C ALA F 121 -26.19 8.44 12.44
N ILE F 122 -24.92 8.72 12.24
CA ILE F 122 -24.04 9.17 13.32
C ILE F 122 -24.32 10.63 13.66
N GLN F 123 -24.85 10.87 14.85
CA GLN F 123 -25.25 12.22 15.25
C GLN F 123 -24.74 12.62 16.63
N SER F 124 -24.09 11.69 17.31
CA SER F 124 -23.53 11.97 18.64
C SER F 124 -22.41 11.00 18.96
N LEU F 125 -21.63 11.33 19.98
CA LEU F 125 -20.54 10.47 20.41
C LEU F 125 -21.03 9.05 20.70
N LYS F 126 -22.25 8.95 21.21
CA LYS F 126 -22.83 7.66 21.61
C LYS F 126 -23.03 6.74 20.41
N ASP F 127 -23.01 7.30 19.21
CA ASP F 127 -23.17 6.53 17.99
C ASP F 127 -21.84 5.97 17.51
N ILE F 128 -20.76 6.46 18.11
CA ILE F 128 -19.42 5.98 17.81
C ILE F 128 -19.08 4.80 18.72
N SER F 129 -18.47 3.77 18.13
CA SER F 129 -18.03 2.61 18.89
C SER F 129 -17.32 3.03 20.17
N SER F 130 -17.70 2.43 21.29
CA SER F 130 -17.11 2.72 22.58
C SER F 130 -15.62 2.41 22.56
N LEU F 131 -15.25 1.32 21.90
CA LEU F 131 -13.85 0.90 21.81
C LEU F 131 -13.02 1.90 21.01
N LEU F 132 -13.62 2.45 19.94
CA LEU F 132 -12.94 3.42 19.11
C LEU F 132 -12.59 4.68 19.89
N LEU F 133 -13.56 5.21 20.62
CA LEU F 133 -13.33 6.36 21.48
C LEU F 133 -12.21 6.08 22.47
N ASP F 134 -12.20 4.87 23.02
CA ASP F 134 -11.16 4.45 23.95
C ASP F 134 -9.79 4.39 23.26
N ALA F 135 -9.78 3.88 22.04
CA ALA F 135 -8.54 3.77 21.29
C ALA F 135 -8.00 5.15 20.94
N ILE F 136 -8.91 6.10 20.70
CA ILE F 136 -8.52 7.47 20.40
C ILE F 136 -7.92 8.15 21.63
N SER F 137 -8.57 7.97 22.78
CA SER F 137 -8.06 8.50 24.05
C SER F 137 -6.69 7.91 24.36
N HIS F 138 -6.58 6.60 24.23
CA HIS F 138 -5.32 5.90 24.50
C HIS F 138 -4.21 6.42 23.60
N PHE F 139 -4.53 6.66 22.33
CA PHE F 139 -3.52 7.18 21.41
C PHE F 139 -2.90 8.46 21.94
N PHE F 140 -3.74 9.45 22.24
CA PHE F 140 -3.24 10.76 22.65
C PHE F 140 -2.59 10.73 24.04
N GLU F 141 -2.94 9.72 24.83
CA GLU F 141 -2.30 9.53 26.13
C GLU F 141 -0.88 8.99 25.98
N ARG F 142 -0.63 8.29 24.87
CA ARG F 142 0.59 7.50 24.75
C ARG F 142 1.57 7.96 23.67
N TYR F 143 1.08 8.62 22.63
CA TYR F 143 1.91 8.87 21.45
C TYR F 143 3.14 9.76 21.70
N LYS F 144 3.18 10.42 22.85
CA LYS F 144 4.31 11.28 23.19
C LYS F 144 5.21 10.66 24.27
N ASP F 145 5.03 9.36 24.52
CA ASP F 145 5.78 8.68 25.57
C ASP F 145 7.29 8.75 25.38
N LEU F 146 7.76 8.52 24.16
CA LEU F 146 9.19 8.46 23.90
C LEU F 146 9.79 9.82 23.55
N GLU F 147 9.01 10.87 23.71
CA GLU F 147 9.51 12.22 23.48
C GLU F 147 9.69 12.94 24.82
N PRO F 148 10.94 13.35 25.11
CA PRO F 148 11.31 14.03 26.34
C PRO F 148 10.52 15.32 26.56
N ASN F 149 10.02 15.51 27.78
CA ASN F 149 9.32 16.73 28.16
C ASN F 149 7.97 16.93 27.47
N LYS F 150 7.51 15.90 26.77
CA LYS F 150 6.18 15.92 26.18
C LYS F 150 5.29 14.94 26.92
N TRP F 151 4.06 15.36 27.18
CA TRP F 151 3.09 14.49 27.84
C TRP F 151 1.66 14.93 27.52
N ALA F 152 0.71 14.03 27.75
CA ALA F 152 -0.69 14.35 27.56
C ALA F 152 -1.55 13.66 28.62
N LYS F 153 -2.58 14.38 29.05
CA LYS F 153 -3.59 13.82 29.95
C LYS F 153 -4.95 14.13 29.37
N VAL F 154 -5.70 13.09 29.00
CA VAL F 154 -7.04 13.31 28.44
C VAL F 154 -8.09 13.29 29.55
N LYS F 155 -8.76 14.43 29.73
CA LYS F 155 -9.79 14.56 30.76
C LYS F 155 -10.95 13.61 30.49
N GLY F 156 -11.38 13.56 29.24
CA GLY F 156 -12.52 12.73 28.85
C GLY F 156 -13.31 13.37 27.73
N TRP F 157 -14.36 12.69 27.27
CA TRP F 157 -15.17 13.20 26.18
C TRP F 157 -16.35 14.01 26.67
N GLU F 158 -16.72 15.05 25.91
CA GLU F 158 -17.89 15.85 26.23
C GLU F 158 -18.74 16.09 24.99
N ASP F 159 -20.00 16.48 25.19
CA ASP F 159 -20.98 16.54 24.11
C ASP F 159 -20.75 17.70 23.12
N LYS F 160 -21.63 17.77 22.12
CA LYS F 160 -21.55 18.76 21.06
C LYS F 160 -21.58 20.20 21.58
N GLU F 161 -22.35 20.44 22.63
CA GLU F 161 -22.47 21.77 23.20
C GLU F 161 -21.13 22.27 23.71
N ALA F 162 -20.38 21.39 24.38
CA ALA F 162 -19.04 21.71 24.80
C ALA F 162 -18.18 22.04 23.58
N ALA F 163 -18.32 21.22 22.53
CA ALA F 163 -17.60 21.45 21.28
C ALA F 163 -17.92 22.82 20.68
N LYS F 164 -19.19 23.19 20.69
CA LYS F 164 -19.62 24.46 20.10
C LYS F 164 -19.00 25.65 20.82
N LYS F 165 -19.04 25.64 22.14
CA LYS F 165 -18.50 26.74 22.92
C LYS F 165 -17.02 26.93 22.66
N GLU F 166 -16.28 25.82 22.64
CA GLU F 166 -14.85 25.87 22.35
C GLU F 166 -14.64 26.41 20.93
N PHE F 167 -15.47 25.94 20.01
CA PHE F 167 -15.43 26.40 18.62
C PHE F 167 -15.71 27.89 18.56
N GLU F 168 -16.88 28.28 19.05
CA GLU F 168 -17.31 29.67 19.03
C GLU F 168 -16.56 30.53 20.05
N ALA F 169 -15.43 30.02 20.52
CA ALA F 169 -14.55 30.79 21.40
C ALA F 169 -13.20 30.99 20.72
N SER F 170 -12.77 29.99 19.97
CA SER F 170 -11.53 30.07 19.20
C SER F 170 -11.66 31.09 18.06
N ILE F 171 -12.87 31.28 17.58
CA ILE F 171 -13.11 32.25 16.52
C ILE F 171 -12.98 33.68 17.04
N VAL F 172 -13.43 33.89 18.27
CA VAL F 172 -13.30 35.19 18.92
C VAL F 172 -11.83 35.57 19.07
N ARG F 173 -11.04 34.64 19.60
CA ARG F 173 -9.61 34.90 19.79
C ARG F 173 -8.96 35.29 18.47
N PHE F 174 -9.30 34.57 17.41
CA PHE F 174 -8.74 34.84 16.09
C PHE F 174 -9.16 36.21 15.57
N LYS F 175 -10.44 36.52 15.70
CA LYS F 175 -10.96 37.80 15.22
C LYS F 175 -10.39 38.98 16.00
N GLU F 176 -10.03 38.75 17.26
CA GLU F 176 -9.37 39.77 18.06
C GLU F 176 -7.93 39.96 17.61
#